data_5FWJ
#
_entry.id   5FWJ
#
_cell.length_a   60.960
_cell.length_b   67.340
_cell.length_c   74.730
_cell.angle_alpha   86.71
_cell.angle_beta   76.56
_cell.angle_gamma   70.35
#
_symmetry.space_group_name_H-M   'P 1'
#
loop_
_entity.id
_entity.type
_entity.pdbx_description
1 polymer 'HISTONE DEMETHYLASE JARID1C'
2 non-polymer 'MAGNESIUM ION'
3 non-polymer 'ZINC ION'
4 non-polymer 'MANGANESE (II) ION'
5 non-polymer '2-{[(2-{[(E)-2-(dimethylamino)ethenyl](ethyl)amino}-2-oxoethyl)amino]methyl}pyridine-4-carboxylic acid'
6 water water
#
_entity_poly.entity_id   1
_entity_poly.type   'polypeptide(L)'
_entity_poly.pdbx_seq_one_letter_code
;SMFLPPPECPVFEPSWAEFRDPLGYIAKIRPIAEKSGICKIRPPADWQPPFAVEVDNFRFTPRIQRLNELEAQTRVKLGG
GGGFEQATREYTLQSFGEMADSFKADYFNMPVHMVPTELVEKEFWRLVNSIEEDVTVEYGADIHSKEFGSGFPVSDSKRH
LTPEEEEYATSGWNLNVMPVLEQSVLCHINADISGMKVPWLYVGMVFSAFCWHIEDHWSYSINYLHWGEPKTWYGVPSLA
AEHLEEVMKKLTPELFDSQPDLLHQLVTLMNPNTLMSHGVPVVRTNQCAGEFVITFPRAYHSGFNQGYNFAEAVNFCTAD
WLPAGRQCIEHYRRLRRYCVFSHEELICKMAACPEKLDLNLAAAVHKEMFIMVQEERRLRKALLEKGITEAEREAFELLP
DDERQCIKCKTTCFLSALACYDCPDGLVCLSHINDLCKCSSSRQYLRYRYTLDELPAMLHKLKVRAESFDT
;
_entity_poly.pdbx_strand_id   A,B
#
# COMPACT_ATOMS: atom_id res chain seq x y z
N SER A 1 49.75 13.02 -10.40
CA SER A 1 48.90 14.06 -10.96
C SER A 1 47.65 14.26 -10.13
N MET A 2 47.01 15.41 -10.29
CA MET A 2 45.72 15.67 -9.67
C MET A 2 44.60 14.95 -10.42
N PHE A 3 43.41 14.96 -9.84
CA PHE A 3 42.25 14.28 -10.43
C PHE A 3 41.99 14.72 -11.87
N LEU A 4 41.83 13.74 -12.75
CA LEU A 4 41.46 14.00 -14.13
C LEU A 4 39.94 13.89 -14.30
N PRO A 5 39.30 14.98 -14.71
CA PRO A 5 37.86 14.91 -14.95
C PRO A 5 37.53 13.99 -16.13
N PRO A 6 36.60 13.05 -15.93
CA PRO A 6 36.13 12.23 -17.06
C PRO A 6 35.49 13.09 -18.13
N PRO A 7 35.31 12.55 -19.35
CA PRO A 7 34.59 13.30 -20.38
C PRO A 7 33.18 13.68 -19.92
N GLU A 8 32.66 14.78 -20.46
CA GLU A 8 31.36 15.26 -20.06
C GLU A 8 30.26 14.37 -20.63
N CYS A 9 29.24 14.09 -19.82
CA CYS A 9 28.10 13.30 -20.28
C CYS A 9 27.29 14.13 -21.27
N PRO A 10 26.46 13.46 -22.10
CA PRO A 10 25.66 14.22 -23.07
C PRO A 10 24.63 15.11 -22.39
N VAL A 11 24.38 16.28 -22.97
CA VAL A 11 23.38 17.21 -22.45
C VAL A 11 22.30 17.41 -23.50
N PHE A 12 21.04 17.28 -23.06
CA PHE A 12 19.93 17.40 -23.99
C PHE A 12 19.07 18.61 -23.66
N GLU A 13 18.67 19.34 -24.70
CA GLU A 13 17.83 20.52 -24.53
C GLU A 13 16.58 20.39 -25.39
N PRO A 14 15.58 19.67 -24.88
CA PRO A 14 14.34 19.41 -25.62
C PRO A 14 13.55 20.68 -25.92
N SER A 15 12.96 20.73 -27.11
CA SER A 15 11.99 21.77 -27.45
C SER A 15 10.75 21.60 -26.58
N TRP A 16 9.87 22.59 -26.62
CA TRP A 16 8.60 22.48 -25.92
C TRP A 16 7.81 21.28 -26.43
N ALA A 17 7.86 21.08 -27.75
CA ALA A 17 7.17 19.96 -28.39
C ALA A 17 7.67 18.62 -27.88
N GLU A 18 9.00 18.47 -27.85
CA GLU A 18 9.64 17.25 -27.34
C GLU A 18 9.36 17.09 -25.85
N PHE A 19 9.28 18.20 -25.14
CA PHE A 19 9.14 18.22 -23.69
C PHE A 19 7.76 17.74 -23.21
N ARG A 20 6.77 17.69 -24.11
CA ARG A 20 5.41 17.30 -23.75
C ARG A 20 5.28 15.87 -23.24
N ASP A 21 6.15 15.00 -23.76
CA ASP A 21 6.08 13.58 -23.45
C ASP A 21 7.41 13.10 -22.89
N PRO A 22 7.54 13.12 -21.56
CA PRO A 22 8.82 12.81 -20.91
C PRO A 22 9.32 11.40 -21.25
N LEU A 23 8.49 10.38 -21.09
CA LEU A 23 8.93 9.03 -21.35
C LEU A 23 9.19 8.84 -22.84
N GLY A 24 8.39 9.51 -23.67
CA GLY A 24 8.61 9.53 -25.10
C GLY A 24 9.97 10.15 -25.42
N TYR A 25 10.27 11.28 -24.77
CA TYR A 25 11.54 11.96 -25.02
C TYR A 25 12.71 11.09 -24.56
N ILE A 26 12.60 10.52 -23.38
CA ILE A 26 13.66 9.67 -22.83
C ILE A 26 13.90 8.45 -23.72
N ALA A 27 12.83 7.87 -24.28
CA ALA A 27 12.98 6.77 -25.21
C ALA A 27 13.74 7.20 -26.45
N LYS A 28 13.49 8.44 -26.89
CA LYS A 28 14.13 8.99 -28.07
C LYS A 28 15.65 9.19 -27.89
N ILE A 29 16.05 9.68 -26.72
CA ILE A 29 17.46 9.96 -26.48
C ILE A 29 18.23 8.74 -25.98
N ARG A 30 17.51 7.68 -25.61
CA ARG A 30 18.14 6.51 -25.01
C ARG A 30 19.28 5.88 -25.85
N PRO A 31 19.10 5.71 -27.18
CA PRO A 31 20.21 5.12 -27.95
C PRO A 31 21.54 5.86 -27.83
N ILE A 32 21.50 7.18 -27.71
CA ILE A 32 22.72 7.96 -27.48
C ILE A 32 23.14 7.93 -26.01
N ALA A 33 22.18 8.24 -25.13
CA ALA A 33 22.47 8.41 -23.71
C ALA A 33 22.91 7.13 -23.00
N GLU A 34 22.39 5.98 -23.42
CA GLU A 34 22.73 4.74 -22.74
C GLU A 34 24.18 4.33 -23.02
N LYS A 35 24.79 4.91 -24.05
CA LYS A 35 26.22 4.75 -24.31
C LYS A 35 27.06 5.42 -23.23
N SER A 36 26.43 6.32 -22.47
CA SER A 36 27.12 7.04 -21.39
C SER A 36 26.67 6.58 -20.00
N GLY A 37 25.42 6.13 -19.90
CA GLY A 37 24.90 5.65 -18.63
C GLY A 37 24.09 6.69 -17.88
N ILE A 38 24.55 7.93 -17.92
CA ILE A 38 23.76 9.06 -17.43
C ILE A 38 23.74 10.16 -18.47
N CYS A 39 22.74 11.02 -18.37
CA CYS A 39 22.71 12.21 -19.21
C CYS A 39 22.00 13.33 -18.47
N LYS A 40 22.15 14.54 -18.98
CA LYS A 40 21.55 15.71 -18.38
C LYS A 40 20.49 16.27 -19.32
N ILE A 41 19.35 16.67 -18.75
CA ILE A 41 18.29 17.27 -19.54
C ILE A 41 17.99 18.67 -19.02
N ARG A 42 18.12 19.67 -19.89
CA ARG A 42 17.76 21.03 -19.54
C ARG A 42 16.38 21.34 -20.09
N PRO A 43 15.41 21.57 -19.19
CA PRO A 43 14.05 21.93 -19.63
C PRO A 43 14.05 23.26 -20.36
N PRO A 44 12.99 23.53 -21.17
CA PRO A 44 12.84 24.85 -21.78
C PRO A 44 12.97 25.95 -20.73
N ALA A 45 13.54 27.09 -21.13
CA ALA A 45 13.95 28.14 -20.18
C ALA A 45 12.87 28.55 -19.18
N ASP A 46 11.61 28.60 -19.60
CA ASP A 46 10.56 29.11 -18.72
C ASP A 46 9.81 28.01 -17.96
N TRP A 47 10.33 26.80 -18.00
CA TRP A 47 9.80 25.74 -17.15
C TRP A 47 10.47 25.81 -15.78
N GLN A 48 9.76 26.40 -14.81
CA GLN A 48 10.34 26.76 -13.52
C GLN A 48 9.36 26.55 -12.38
N PRO A 49 9.23 25.29 -11.93
CA PRO A 49 8.27 24.95 -10.87
C PRO A 49 8.66 25.57 -9.53
N PRO A 50 7.72 26.28 -8.89
CA PRO A 50 8.00 26.92 -7.60
C PRO A 50 8.23 25.88 -6.52
N PHE A 51 9.24 26.11 -5.68
CA PHE A 51 9.61 25.19 -4.63
C PHE A 51 8.46 25.03 -3.61
N ALA A 52 8.05 23.79 -3.35
CA ALA A 52 6.80 23.53 -2.64
C ALA A 52 6.96 23.16 -1.17
N VAL A 53 8.18 22.82 -0.76
CA VAL A 53 8.41 22.46 0.63
C VAL A 53 8.24 23.69 1.53
N GLU A 54 7.54 23.53 2.65
CA GLU A 54 7.46 24.63 3.58
C GLU A 54 8.75 24.57 4.41
N VAL A 55 9.62 25.53 4.14
CA VAL A 55 11.01 25.49 4.59
C VAL A 55 11.14 25.50 6.12
N ASP A 56 10.21 26.17 6.79
CA ASP A 56 10.31 26.39 8.23
C ASP A 56 9.87 25.19 9.06
N ASN A 57 9.20 24.22 8.44
CA ASN A 57 8.87 22.98 9.14
C ASN A 57 9.52 21.78 8.43
N PHE A 58 10.75 21.96 7.97
CA PHE A 58 11.54 20.88 7.41
C PHE A 58 12.72 20.59 8.32
N ARG A 59 12.72 19.40 8.92
CA ARG A 59 13.76 19.04 9.88
C ARG A 59 14.32 17.67 9.56
N PHE A 60 15.60 17.45 9.86
CA PHE A 60 16.20 16.17 9.57
C PHE A 60 17.49 15.95 10.35
N THR A 61 17.83 14.68 10.53
CA THR A 61 19.10 14.30 11.12
C THR A 61 19.96 13.67 10.04
N PRO A 62 20.96 14.42 9.55
CA PRO A 62 21.78 13.96 8.43
C PRO A 62 22.72 12.83 8.85
N ARG A 63 23.16 12.04 7.89
CA ARG A 63 24.11 10.98 8.18
C ARG A 63 25.53 11.56 8.19
N ILE A 64 26.38 10.98 9.01
CA ILE A 64 27.76 11.45 9.13
C ILE A 64 28.63 10.74 8.09
N GLN A 65 29.33 11.51 7.28
CA GLN A 65 30.21 10.93 6.27
C GLN A 65 31.65 11.35 6.50
N ARG A 66 32.51 10.37 6.74
CA ARG A 66 33.94 10.63 6.78
C ARG A 66 34.49 10.26 5.41
N LEU A 67 35.15 11.21 4.75
CA LEU A 67 35.44 11.09 3.34
C LEU A 67 36.40 9.95 3.00
N ASN A 68 37.36 9.68 3.87
CA ASN A 68 38.30 8.59 3.62
C ASN A 68 37.74 7.24 4.04
N GLU A 69 36.47 7.23 4.46
CA GLU A 69 35.78 5.96 4.70
C GLU A 69 34.35 5.97 4.20
N LEU A 70 34.22 5.99 2.87
CA LEU A 70 32.95 6.11 2.14
C LEU A 70 32.51 7.59 2.07
N THR A 88 24.91 13.36 16.79
CA THR A 88 24.43 13.53 15.43
C THR A 88 23.16 14.40 15.40
N ARG A 89 23.34 15.67 15.76
CA ARG A 89 22.27 16.66 15.91
C ARG A 89 21.23 16.71 14.77
N GLU A 90 20.02 17.11 15.13
CA GLU A 90 18.96 17.45 14.18
C GLU A 90 19.10 18.88 13.63
N TYR A 91 18.73 19.07 12.36
CA TYR A 91 18.81 20.38 11.71
C TYR A 91 17.47 20.82 11.15
N THR A 92 17.32 22.13 11.00
CA THR A 92 16.32 22.68 10.10
C THR A 92 17.02 22.95 8.78
N LEU A 93 16.23 23.21 7.73
CA LEU A 93 16.79 23.53 6.42
C LEU A 93 17.69 24.77 6.50
N GLN A 94 17.27 25.77 7.27
CA GLN A 94 18.03 27.00 7.39
C GLN A 94 19.34 26.81 8.15
N SER A 95 19.29 26.08 9.26
CA SER A 95 20.48 25.88 10.09
C SER A 95 21.47 24.90 9.45
N PHE A 96 20.97 23.98 8.63
CA PHE A 96 21.87 23.09 7.90
C PHE A 96 22.64 23.91 6.87
N GLY A 97 21.93 24.79 6.17
CA GLY A 97 22.53 25.65 5.17
C GLY A 97 23.58 26.59 5.74
N GLU A 98 23.33 27.09 6.95
CA GLU A 98 24.27 27.98 7.61
C GLU A 98 25.54 27.22 7.99
N MET A 99 25.35 26.01 8.50
CA MET A 99 26.48 25.12 8.80
C MET A 99 27.24 24.78 7.51
N ALA A 100 26.49 24.49 6.45
CA ALA A 100 27.07 24.07 5.18
C ALA A 100 27.95 25.16 4.58
N ASP A 101 27.43 26.39 4.53
CA ASP A 101 28.14 27.53 3.96
C ASP A 101 29.39 27.89 4.76
N SER A 102 29.28 27.88 6.08
CA SER A 102 30.42 28.18 6.94
C SER A 102 31.52 27.13 6.81
N PHE A 103 31.12 25.87 6.72
CA PHE A 103 32.09 24.79 6.52
C PHE A 103 32.89 25.01 5.24
N LYS A 104 32.19 25.25 4.14
CA LYS A 104 32.83 25.39 2.83
C LYS A 104 33.77 26.59 2.81
N ALA A 105 33.30 27.71 3.33
CA ALA A 105 34.10 28.94 3.35
C ALA A 105 35.32 28.75 4.23
N ASP A 106 35.15 28.05 5.34
CA ASP A 106 36.26 27.86 6.26
C ASP A 106 37.27 26.85 5.75
N TYR A 107 36.78 25.82 5.07
CA TYR A 107 37.69 24.77 4.57
C TYR A 107 38.49 25.25 3.38
N PHE A 108 37.84 25.94 2.46
CA PHE A 108 38.51 26.41 1.25
C PHE A 108 39.18 27.77 1.44
N ASN A 109 38.84 28.45 2.53
CA ASN A 109 39.35 29.80 2.79
C ASN A 109 39.09 30.73 1.62
N MET A 110 37.90 30.60 1.04
CA MET A 110 37.42 31.41 -0.08
C MET A 110 35.96 31.75 0.20
N PRO A 111 35.43 32.80 -0.43
CA PRO A 111 33.99 33.03 -0.28
C PRO A 111 33.20 31.83 -0.80
N VAL A 112 32.07 31.54 -0.16
CA VAL A 112 31.37 30.27 -0.35
C VAL A 112 30.96 30.02 -1.81
N HIS A 113 30.71 31.10 -2.56
CA HIS A 113 30.27 30.94 -3.94
C HIS A 113 31.36 31.28 -4.96
N MET A 114 32.61 31.31 -4.51
CA MET A 114 33.72 31.66 -5.39
C MET A 114 34.68 30.50 -5.60
N VAL A 115 34.29 29.31 -5.16
CA VAL A 115 35.15 28.15 -5.33
C VAL A 115 34.82 27.42 -6.62
N PRO A 116 35.78 27.36 -7.57
CA PRO A 116 35.57 26.67 -8.85
C PRO A 116 35.19 25.21 -8.64
N THR A 117 34.29 24.69 -9.46
CA THR A 117 33.84 23.32 -9.30
C THR A 117 34.98 22.32 -9.52
N GLU A 118 35.90 22.67 -10.41
CA GLU A 118 37.07 21.83 -10.69
C GLU A 118 37.96 21.71 -9.44
N LEU A 119 38.08 22.82 -8.72
CA LEU A 119 38.88 22.86 -7.50
C LEU A 119 38.27 21.96 -6.42
N VAL A 120 36.97 22.09 -6.21
CA VAL A 120 36.26 21.26 -5.24
C VAL A 120 36.39 19.78 -5.61
N GLU A 121 36.24 19.50 -6.89
CA GLU A 121 36.28 18.13 -7.39
C GLU A 121 37.66 17.51 -7.14
N LYS A 122 38.70 18.22 -7.50
CA LYS A 122 40.07 17.75 -7.28
C LYS A 122 40.35 17.51 -5.81
N GLU A 123 39.90 18.42 -4.95
CA GLU A 123 40.14 18.29 -3.51
C GLU A 123 39.32 17.17 -2.89
N PHE A 124 38.09 16.99 -3.37
CA PHE A 124 37.25 15.88 -2.92
C PHE A 124 37.95 14.53 -3.09
N TRP A 125 38.44 14.27 -4.30
CA TRP A 125 39.06 12.98 -4.59
C TRP A 125 40.40 12.82 -3.90
N ARG A 126 41.11 13.93 -3.66
CA ARG A 126 42.33 13.87 -2.87
C ARG A 126 42.01 13.44 -1.43
N LEU A 127 40.95 13.99 -0.87
CA LEU A 127 40.53 13.71 0.50
C LEU A 127 40.04 12.28 0.70
N VAL A 128 39.25 11.79 -0.26
CA VAL A 128 38.75 10.42 -0.22
C VAL A 128 39.91 9.42 -0.07
N ASN A 129 41.03 9.72 -0.70
CA ASN A 129 42.18 8.83 -0.68
C ASN A 129 43.25 9.21 0.36
N SER A 130 42.90 10.11 1.27
CA SER A 130 43.87 10.59 2.25
C SER A 130 43.61 10.01 3.64
N ILE A 131 44.44 9.06 4.04
CA ILE A 131 44.24 8.35 5.30
C ILE A 131 44.52 9.23 6.52
N GLU A 132 45.41 10.20 6.35
CA GLU A 132 45.88 11.00 7.47
C GLU A 132 44.92 12.12 7.85
N GLU A 133 44.13 12.59 6.89
CA GLU A 133 43.23 13.71 7.12
C GLU A 133 41.79 13.27 7.38
N ASP A 134 41.19 13.76 8.46
CA ASP A 134 39.82 13.39 8.82
C ASP A 134 38.83 14.49 8.54
N VAL A 135 38.44 14.62 7.28
CA VAL A 135 37.41 15.58 6.92
C VAL A 135 36.08 14.84 6.96
N THR A 136 35.17 15.38 7.74
CA THR A 136 33.87 14.76 7.97
C THR A 136 32.78 15.75 7.62
N VAL A 137 31.76 15.29 6.88
CA VAL A 137 30.64 16.15 6.55
C VAL A 137 29.31 15.46 6.88
N GLU A 138 28.21 16.13 6.56
CA GLU A 138 26.89 15.60 6.87
C GLU A 138 26.02 15.68 5.63
N TYR A 139 25.17 14.69 5.44
CA TYR A 139 24.33 14.64 4.25
C TYR A 139 22.90 14.26 4.63
N GLY A 140 21.95 15.13 4.29
CA GLY A 140 20.54 14.84 4.47
C GLY A 140 20.05 13.96 3.33
N ALA A 141 20.46 12.69 3.36
CA ALA A 141 20.18 11.78 2.25
C ALA A 141 18.95 10.90 2.52
N ASP A 142 18.29 10.50 1.43
CA ASP A 142 17.18 9.55 1.49
C ASP A 142 16.06 10.01 2.41
N ILE A 143 15.69 11.27 2.30
CA ILE A 143 14.55 11.80 3.03
C ILE A 143 13.26 11.51 2.26
N HIS A 144 12.34 10.80 2.91
N HIS A 144 12.33 10.80 2.89
CA HIS A 144 11.04 10.51 2.32
CA HIS A 144 11.07 10.45 2.23
C HIS A 144 10.31 11.81 1.99
C HIS A 144 10.23 11.71 2.02
N SER A 145 9.78 11.91 0.78
CA SER A 145 9.01 13.09 0.41
C SER A 145 7.65 13.11 1.10
N LYS A 146 7.24 11.97 1.65
CA LYS A 146 5.99 11.92 2.42
C LYS A 146 6.14 12.59 3.79
N GLU A 147 7.35 12.58 4.33
CA GLU A 147 7.57 13.15 5.66
C GLU A 147 7.22 14.64 5.77
N PHE A 148 7.69 15.44 4.81
CA PHE A 148 7.44 16.89 4.85
C PHE A 148 6.87 17.45 3.55
N GLY A 149 6.69 16.60 2.56
CA GLY A 149 6.21 17.05 1.26
C GLY A 149 7.31 17.02 0.20
N SER A 150 6.88 17.04 -1.06
CA SER A 150 7.81 17.06 -2.19
C SER A 150 8.33 18.45 -2.48
N GLY A 151 9.40 18.54 -3.26
CA GLY A 151 9.90 19.83 -3.72
C GLY A 151 9.01 20.37 -4.82
N PHE A 152 8.28 19.47 -5.48
CA PHE A 152 7.31 19.82 -6.50
C PHE A 152 5.91 19.98 -5.88
N PRO A 153 5.07 20.83 -6.49
CA PRO A 153 3.67 20.90 -6.05
C PRO A 153 2.88 19.66 -6.45
N VAL A 154 1.96 19.24 -5.58
CA VAL A 154 1.08 18.11 -5.84
C VAL A 154 -0.37 18.58 -5.82
N SER A 155 -1.25 17.85 -6.50
CA SER A 155 -2.63 18.27 -6.67
C SER A 155 -3.44 18.38 -5.38
N ASP A 156 -3.35 17.36 -4.52
CA ASP A 156 -4.17 17.33 -3.30
C ASP A 156 -3.47 17.96 -2.10
N SER A 157 -2.67 18.99 -2.35
CA SER A 157 -1.82 19.59 -1.33
C SER A 157 -2.59 20.30 -0.22
N LYS A 158 -1.93 20.49 0.92
CA LYS A 158 -2.48 21.26 2.02
C LYS A 158 -2.29 22.75 1.77
N ARG A 159 -1.68 23.07 0.63
CA ARG A 159 -1.41 24.46 0.26
C ARG A 159 -2.36 24.90 -0.85
N HIS A 160 -2.79 26.16 -0.79
CA HIS A 160 -3.58 26.74 -1.86
C HIS A 160 -2.69 27.00 -3.07
N LEU A 161 -2.86 26.21 -4.13
CA LEU A 161 -2.02 26.32 -5.30
C LEU A 161 -2.44 27.47 -6.21
N THR A 162 -1.48 28.29 -6.59
CA THR A 162 -1.69 29.31 -7.61
C THR A 162 -1.99 28.60 -8.94
N PRO A 163 -2.59 29.33 -9.90
CA PRO A 163 -2.82 28.75 -11.23
C PRO A 163 -1.53 28.21 -11.85
N GLU A 164 -0.44 28.96 -11.71
CA GLU A 164 0.89 28.52 -12.11
C GLU A 164 1.24 27.16 -11.50
N GLU A 165 1.08 27.04 -10.19
CA GLU A 165 1.49 25.84 -9.47
C GLU A 165 0.66 24.61 -9.82
N GLU A 166 -0.61 24.80 -10.16
CA GLU A 166 -1.47 23.68 -10.52
C GLU A 166 -1.02 23.02 -11.83
N GLU A 167 -0.54 23.84 -12.78
CA GLU A 167 0.01 23.32 -14.03
C GLU A 167 1.26 22.47 -13.78
N TYR A 168 2.16 22.96 -12.93
CA TYR A 168 3.35 22.20 -12.57
C TYR A 168 2.99 20.96 -11.79
N ALA A 169 1.84 20.99 -11.13
CA ALA A 169 1.39 19.85 -10.34
C ALA A 169 1.00 18.68 -11.24
N THR A 170 0.67 18.98 -12.50
CA THR A 170 0.21 17.94 -13.42
C THR A 170 1.24 17.62 -14.49
N SER A 171 2.35 18.35 -14.51
CA SER A 171 3.42 18.13 -15.47
C SER A 171 3.97 16.71 -15.38
N GLY A 172 4.23 16.10 -16.54
CA GLY A 172 4.82 14.77 -16.56
C GLY A 172 6.24 14.77 -16.03
N TRP A 173 6.91 15.91 -16.08
CA TRP A 173 8.28 16.03 -15.57
C TRP A 173 8.31 16.28 -14.07
N ASN A 174 7.13 16.51 -13.49
CA ASN A 174 6.98 16.53 -12.04
C ASN A 174 7.24 15.12 -11.52
N LEU A 175 8.21 14.98 -10.60
CA LEU A 175 8.65 13.64 -10.22
C LEU A 175 7.61 12.86 -9.43
N ASN A 176 6.56 13.54 -8.99
CA ASN A 176 5.43 12.87 -8.36
C ASN A 176 4.50 12.25 -9.40
N VAL A 177 4.57 12.79 -10.62
CA VAL A 177 3.69 12.38 -11.71
C VAL A 177 4.32 11.34 -12.64
N MET A 178 5.61 11.51 -12.94
CA MET A 178 6.29 10.64 -13.91
C MET A 178 6.14 9.13 -13.65
N PRO A 179 6.26 8.67 -12.40
CA PRO A 179 6.14 7.22 -12.21
C PRO A 179 4.73 6.65 -12.43
N VAL A 180 3.71 7.50 -12.55
CA VAL A 180 2.35 6.99 -12.75
C VAL A 180 1.81 7.34 -14.13
N LEU A 181 2.73 7.77 -15.01
CA LEU A 181 2.42 8.00 -16.42
C LEU A 181 2.07 6.73 -17.15
N GLU A 182 1.38 6.91 -18.28
CA GLU A 182 0.93 5.83 -19.15
C GLU A 182 1.96 4.68 -19.36
N GLN A 183 3.13 5.09 -19.74
CA GLN A 183 4.12 4.19 -20.29
C GLN A 183 5.19 3.90 -19.23
N SER A 184 4.85 4.37 -18.05
CA SER A 184 5.60 4.04 -16.85
C SER A 184 5.09 2.70 -16.33
N VAL A 185 5.89 1.67 -16.56
CA VAL A 185 5.48 0.29 -16.38
C VAL A 185 5.08 -0.07 -14.93
N LEU A 186 5.74 0.53 -13.95
CA LEU A 186 5.45 0.18 -12.56
C LEU A 186 4.05 0.63 -12.10
N CYS A 187 3.38 1.45 -12.90
CA CYS A 187 2.02 1.88 -12.58
C CYS A 187 1.04 0.71 -12.63
N HIS A 188 1.46 -0.40 -13.23
CA HIS A 188 0.62 -1.58 -13.35
C HIS A 188 0.67 -2.43 -12.07
N ILE A 189 1.75 -2.29 -11.29
CA ILE A 189 1.75 -2.84 -9.95
C ILE A 189 1.20 -1.75 -9.04
N ASN A 190 0.02 -1.92 -8.49
CA ASN A 190 -0.49 -0.87 -7.62
C ASN A 190 -0.37 -1.25 -6.14
N ALA A 191 0.41 -2.29 -5.86
CA ALA A 191 0.91 -2.49 -4.51
C ALA A 191 1.75 -1.24 -4.29
N ASP A 192 1.89 -0.80 -3.05
CA ASP A 192 2.51 0.51 -2.81
C ASP A 192 3.95 0.63 -3.27
N ILE A 193 4.79 -0.34 -2.91
CA ILE A 193 6.22 -0.37 -3.22
C ILE A 193 6.85 1.03 -3.24
N SER A 194 6.59 1.78 -2.17
CA SER A 194 7.15 3.10 -2.02
C SER A 194 8.66 2.95 -1.94
N GLY A 195 9.37 3.99 -2.35
CA GLY A 195 10.81 3.86 -2.50
C GLY A 195 11.14 3.69 -3.97
N MET A 196 10.18 3.19 -4.73
CA MET A 196 10.35 3.09 -6.16
C MET A 196 9.38 4.00 -6.90
N LYS A 197 8.23 4.28 -6.29
CA LYS A 197 7.23 5.09 -6.96
C LYS A 197 7.08 6.51 -6.39
N VAL A 198 7.64 6.74 -5.21
N VAL A 198 7.65 6.73 -5.21
CA VAL A 198 7.53 8.04 -4.57
CA VAL A 198 7.52 8.03 -4.55
C VAL A 198 8.92 8.67 -4.40
C VAL A 198 8.90 8.67 -4.38
N PRO A 199 9.03 9.97 -4.72
CA PRO A 199 10.32 10.67 -4.72
C PRO A 199 11.04 10.70 -3.37
N TRP A 200 12.36 10.78 -3.44
CA TRP A 200 13.20 10.92 -2.26
C TRP A 200 13.95 12.24 -2.32
N LEU A 201 14.29 12.78 -1.16
CA LEU A 201 14.91 14.11 -1.09
C LEU A 201 16.34 14.01 -0.60
N TYR A 202 17.17 14.93 -1.07
CA TYR A 202 18.58 14.95 -0.73
C TYR A 202 19.03 16.38 -0.45
N VAL A 203 19.42 16.63 0.80
CA VAL A 203 19.90 17.94 1.21
C VAL A 203 21.40 17.86 1.39
N GLY A 204 22.14 18.51 0.49
CA GLY A 204 23.58 18.33 0.46
C GLY A 204 24.38 19.50 0.99
N MET A 205 25.62 19.23 1.37
CA MET A 205 26.62 20.25 1.63
C MET A 205 27.89 19.85 0.84
N VAL A 206 28.90 20.71 0.83
CA VAL A 206 30.11 20.41 0.07
C VAL A 206 30.72 19.09 0.57
N PHE A 207 31.15 18.27 -0.40
CA PHE A 207 31.76 16.95 -0.17
C PHE A 207 30.78 15.84 0.22
N SER A 208 29.52 16.18 0.54
CA SER A 208 28.56 15.12 0.86
C SER A 208 28.38 14.27 -0.40
N ALA A 209 28.42 12.95 -0.23
CA ALA A 209 28.63 12.08 -1.38
C ALA A 209 27.67 10.91 -1.46
N PHE A 210 27.52 10.37 -2.66
CA PHE A 210 26.83 9.09 -2.82
C PHE A 210 27.73 8.12 -3.58
N CYS A 211 27.86 6.93 -3.00
CA CYS A 211 28.77 5.91 -3.49
C CYS A 211 28.27 5.24 -4.76
N TRP A 212 29.15 4.49 -5.43
CA TRP A 212 28.79 3.77 -6.65
C TRP A 212 27.67 2.77 -6.41
N HIS A 213 26.63 2.86 -7.22
CA HIS A 213 25.50 1.95 -7.10
C HIS A 213 24.67 1.97 -8.36
N ILE A 214 23.78 1.00 -8.47
CA ILE A 214 22.70 1.04 -9.45
C ILE A 214 21.38 0.98 -8.69
N GLU A 215 20.28 1.19 -9.39
CA GLU A 215 18.97 1.27 -8.75
C GLU A 215 18.34 -0.09 -8.49
N ASP A 216 17.34 -0.11 -7.61
CA ASP A 216 16.56 -1.31 -7.35
C ASP A 216 15.96 -1.86 -8.63
N HIS A 217 16.11 -3.15 -8.83
CA HIS A 217 15.64 -3.84 -10.04
C HIS A 217 16.21 -3.23 -11.31
N TRP A 218 17.38 -2.61 -11.19
CA TRP A 218 18.11 -2.01 -12.30
C TRP A 218 17.23 -1.02 -13.05
N SER A 219 16.38 -0.31 -12.31
CA SER A 219 15.48 0.65 -12.91
C SER A 219 16.21 1.93 -13.30
N TYR A 220 15.54 2.76 -14.09
CA TYR A 220 15.94 4.15 -14.28
C TYR A 220 15.85 4.94 -12.98
N SER A 221 16.55 6.06 -12.93
CA SER A 221 16.21 7.10 -11.97
C SER A 221 16.25 8.43 -12.68
N ILE A 222 15.38 9.34 -12.26
CA ILE A 222 15.43 10.70 -12.74
C ILE A 222 15.63 11.59 -11.51
N ASN A 223 16.49 12.58 -11.66
CA ASN A 223 16.97 13.38 -10.54
C ASN A 223 16.88 14.86 -10.90
N TYR A 224 16.30 15.65 -10.01
CA TYR A 224 16.12 17.06 -10.27
C TYR A 224 16.74 17.89 -9.15
N LEU A 225 17.53 18.89 -9.52
CA LEU A 225 18.11 19.77 -8.53
C LEU A 225 17.25 21.02 -8.40
N HIS A 226 16.55 21.15 -7.28
CA HIS A 226 15.63 22.27 -7.07
C HIS A 226 16.37 23.60 -6.93
N TRP A 227 17.39 23.62 -6.09
CA TRP A 227 18.20 24.81 -5.91
C TRP A 227 19.53 24.47 -5.23
N GLY A 228 20.40 25.47 -5.17
CA GLY A 228 21.66 25.35 -4.48
C GLY A 228 22.83 25.19 -5.42
N GLU A 229 23.99 24.86 -4.85
CA GLU A 229 25.19 24.65 -5.63
C GLU A 229 25.10 23.33 -6.38
N PRO A 230 25.90 23.16 -7.45
CA PRO A 230 25.71 21.98 -8.30
C PRO A 230 25.97 20.64 -7.61
N LYS A 231 25.38 19.59 -8.18
CA LYS A 231 25.67 18.23 -7.79
C LYS A 231 26.54 17.60 -8.87
N THR A 232 27.70 17.10 -8.47
CA THR A 232 28.64 16.54 -9.42
C THR A 232 28.41 15.04 -9.56
N TRP A 233 28.27 14.59 -10.81
CA TRP A 233 27.95 13.19 -11.12
C TRP A 233 29.04 12.44 -11.86
N TYR A 234 29.14 11.14 -11.62
CA TYR A 234 29.93 10.25 -12.47
C TYR A 234 29.04 9.10 -12.89
N GLY A 235 29.15 8.68 -14.14
CA GLY A 235 28.29 7.64 -14.68
C GLY A 235 29.07 6.63 -15.51
N VAL A 236 28.61 5.38 -15.49
CA VAL A 236 29.21 4.28 -16.23
C VAL A 236 28.13 3.61 -17.06
N PRO A 237 28.40 3.29 -18.34
CA PRO A 237 27.37 2.66 -19.17
C PRO A 237 27.00 1.28 -18.65
N SER A 238 25.76 0.85 -18.89
CA SER A 238 25.32 -0.45 -18.40
C SER A 238 26.16 -1.59 -18.98
N LEU A 239 26.66 -1.39 -20.20
CA LEU A 239 27.47 -2.42 -20.86
C LEU A 239 28.74 -2.76 -20.07
N ALA A 240 29.23 -1.79 -19.30
CA ALA A 240 30.45 -1.97 -18.54
C ALA A 240 30.19 -2.30 -17.07
N ALA A 241 28.94 -2.61 -16.73
CA ALA A 241 28.56 -2.83 -15.33
C ALA A 241 29.36 -3.96 -14.68
N GLU A 242 29.47 -5.09 -15.38
CA GLU A 242 30.16 -6.24 -14.81
C GLU A 242 31.66 -6.02 -14.72
N HIS A 243 32.20 -5.27 -15.68
CA HIS A 243 33.62 -4.93 -15.67
C HIS A 243 33.95 -4.04 -14.46
N LEU A 244 33.11 -3.05 -14.22
CA LEU A 244 33.25 -2.19 -13.04
C LEU A 244 33.27 -2.99 -11.74
N GLU A 245 32.34 -3.94 -11.63
CA GLU A 245 32.23 -4.77 -10.45
C GLU A 245 33.46 -5.64 -10.26
N GLU A 246 34.03 -6.09 -11.37
CA GLU A 246 35.23 -6.92 -11.33
C GLU A 246 36.45 -6.10 -10.91
N VAL A 247 36.57 -4.90 -11.47
CA VAL A 247 37.67 -4.00 -11.11
C VAL A 247 37.62 -3.65 -9.63
N MET A 248 36.43 -3.39 -9.11
CA MET A 248 36.28 -3.04 -7.70
C MET A 248 36.61 -4.23 -6.79
N LYS A 249 36.21 -5.43 -7.20
CA LYS A 249 36.51 -6.63 -6.42
C LYS A 249 38.02 -6.87 -6.39
N LYS A 250 38.67 -6.66 -7.53
CA LYS A 250 40.09 -6.92 -7.66
C LYS A 250 40.95 -5.93 -6.89
N LEU A 251 40.51 -4.68 -6.80
CA LEU A 251 41.31 -3.63 -6.19
C LEU A 251 40.82 -3.21 -4.80
N THR A 252 39.81 -3.88 -4.28
CA THR A 252 39.28 -3.55 -2.96
C THR A 252 38.81 -4.79 -2.20
N LEU A 269 33.31 6.42 -3.47
CA LEU A 269 34.24 5.40 -3.02
C LEU A 269 35.47 5.32 -3.94
N MET A 270 35.45 4.40 -4.90
CA MET A 270 36.56 4.25 -5.83
C MET A 270 36.64 5.42 -6.79
N ASN A 271 37.87 5.91 -6.94
CA ASN A 271 38.18 7.02 -7.82
C ASN A 271 37.87 6.69 -9.27
N PRO A 272 37.12 7.57 -9.96
CA PRO A 272 36.81 7.40 -11.38
C PRO A 272 38.07 7.24 -12.23
N ASN A 273 39.17 7.87 -11.82
CA ASN A 273 40.43 7.75 -12.54
C ASN A 273 40.96 6.33 -12.48
N THR A 274 40.69 5.65 -11.36
CA THR A 274 41.09 4.27 -11.21
C THR A 274 40.28 3.39 -12.17
N LEU A 275 38.98 3.66 -12.25
CA LEU A 275 38.13 2.94 -13.19
C LEU A 275 38.57 3.15 -14.63
N MET A 276 38.79 4.41 -15.01
CA MET A 276 39.17 4.69 -16.40
C MET A 276 40.52 4.10 -16.77
N SER A 277 41.44 4.03 -15.82
CA SER A 277 42.77 3.50 -16.11
C SER A 277 42.75 1.97 -16.12
N HIS A 278 41.60 1.38 -15.82
CA HIS A 278 41.44 -0.07 -15.89
C HIS A 278 40.43 -0.48 -16.96
N GLY A 279 40.17 0.41 -17.91
CA GLY A 279 39.33 0.10 -19.04
C GLY A 279 37.83 0.26 -18.85
N VAL A 280 37.42 1.01 -17.82
CA VAL A 280 36.01 1.26 -17.57
C VAL A 280 35.66 2.71 -17.95
N PRO A 281 34.79 2.89 -18.95
CA PRO A 281 34.41 4.24 -19.39
C PRO A 281 33.63 4.98 -18.32
N VAL A 282 33.96 6.24 -18.09
CA VAL A 282 33.27 7.08 -17.12
C VAL A 282 32.94 8.42 -17.77
N VAL A 283 31.76 8.96 -17.47
CA VAL A 283 31.45 10.33 -17.83
C VAL A 283 31.19 11.13 -16.56
N ARG A 284 31.18 12.46 -16.70
CA ARG A 284 30.91 13.32 -15.56
C ARG A 284 29.92 14.40 -15.95
N THR A 285 29.32 15.04 -14.96
CA THR A 285 28.61 16.29 -15.19
C THR A 285 28.41 17.04 -13.89
N ASN A 286 28.33 18.36 -14.00
CA ASN A 286 27.84 19.20 -12.92
C ASN A 286 26.35 19.48 -13.17
N GLN A 287 25.50 18.90 -12.34
CA GLN A 287 24.07 19.17 -12.46
C GLN A 287 23.74 20.46 -11.72
N CYS A 288 23.31 21.48 -12.46
CA CYS A 288 22.97 22.76 -11.85
C CYS A 288 21.50 22.83 -11.53
N ALA A 289 21.12 23.82 -10.72
CA ALA A 289 19.74 24.03 -10.31
C ALA A 289 18.83 24.13 -11.53
N GLY A 290 17.74 23.39 -11.50
CA GLY A 290 16.78 23.42 -12.58
C GLY A 290 17.05 22.39 -13.66
N GLU A 291 18.07 21.56 -13.45
CA GLU A 291 18.44 20.54 -14.45
C GLU A 291 18.12 19.13 -13.97
N PHE A 292 17.77 18.28 -14.93
CA PHE A 292 17.50 16.87 -14.65
C PHE A 292 18.72 16.00 -14.95
N VAL A 293 18.88 14.94 -14.17
CA VAL A 293 19.83 13.88 -14.53
C VAL A 293 19.07 12.56 -14.61
N ILE A 294 19.29 11.84 -15.70
CA ILE A 294 18.71 10.51 -15.89
C ILE A 294 19.78 9.45 -15.73
N THR A 295 19.51 8.43 -14.93
CA THR A 295 20.39 7.27 -14.89
C THR A 295 19.67 6.12 -15.55
N PHE A 296 20.37 5.43 -16.45
CA PHE A 296 19.75 4.41 -17.27
C PHE A 296 19.90 3.04 -16.61
N PRO A 297 19.09 2.05 -17.03
CA PRO A 297 19.11 0.73 -16.38
C PRO A 297 20.50 0.16 -16.22
N ARG A 298 20.83 -0.22 -14.98
CA ARG A 298 22.12 -0.79 -14.60
C ARG A 298 23.32 0.11 -14.92
N ALA A 299 23.10 1.42 -15.00
CA ALA A 299 24.21 2.34 -15.14
C ALA A 299 24.72 2.77 -13.77
N TYR A 300 25.92 2.32 -13.41
CA TYR A 300 26.53 2.72 -12.15
C TYR A 300 26.76 4.21 -12.11
N HIS A 301 26.46 4.83 -10.98
CA HIS A 301 26.70 6.24 -10.83
C HIS A 301 27.09 6.56 -9.40
N SER A 302 27.81 7.67 -9.26
CA SER A 302 28.28 8.16 -7.98
C SER A 302 28.46 9.64 -8.10
N GLY A 303 28.72 10.31 -6.98
CA GLY A 303 28.98 11.73 -7.04
C GLY A 303 29.02 12.39 -5.68
N PHE A 304 29.07 13.71 -5.70
CA PHE A 304 29.14 14.51 -4.49
C PHE A 304 28.56 15.88 -4.75
N ASN A 305 28.20 16.58 -3.69
CA ASN A 305 27.63 17.91 -3.85
C ASN A 305 28.70 18.99 -3.73
N GLN A 306 28.56 20.04 -4.54
CA GLN A 306 29.53 21.14 -4.56
C GLN A 306 29.29 22.09 -3.39
N GLY A 307 28.09 22.03 -2.83
CA GLY A 307 27.74 22.88 -1.72
C GLY A 307 26.32 22.61 -1.27
N TYR A 308 25.79 23.56 -0.49
CA TYR A 308 24.43 23.48 0.00
C TYR A 308 23.43 23.41 -1.15
N ASN A 309 22.67 22.32 -1.23
CA ASN A 309 21.67 22.18 -2.28
C ASN A 309 20.52 21.24 -1.89
N PHE A 310 19.53 21.15 -2.77
CA PHE A 310 18.32 20.39 -2.48
C PHE A 310 17.87 19.65 -3.74
N ALA A 311 17.85 18.32 -3.67
CA ALA A 311 17.55 17.51 -4.84
C ALA A 311 16.42 16.53 -4.57
N GLU A 312 15.74 16.12 -5.63
CA GLU A 312 14.65 15.15 -5.55
C GLU A 312 14.84 14.11 -6.64
N ALA A 313 14.59 12.84 -6.30
CA ALA A 313 14.77 11.76 -7.27
C ALA A 313 13.70 10.67 -7.12
N VAL A 314 13.39 10.01 -8.22
CA VAL A 314 12.44 8.91 -8.22
C VAL A 314 12.83 7.85 -9.26
N ASN A 315 12.50 6.60 -9.01
CA ASN A 315 12.71 5.54 -9.99
C ASN A 315 11.58 5.48 -10.99
N PHE A 316 11.87 4.95 -12.17
CA PHE A 316 10.82 4.59 -13.10
C PHE A 316 11.28 3.46 -14.01
N CYS A 317 10.32 2.79 -14.63
CA CYS A 317 10.58 1.64 -15.48
C CYS A 317 9.83 1.78 -16.79
N THR A 318 10.47 1.34 -17.87
CA THR A 318 9.90 1.48 -19.21
C THR A 318 9.87 0.15 -19.94
N ALA A 319 9.32 0.16 -21.15
CA ALA A 319 9.29 -1.03 -21.99
C ALA A 319 10.69 -1.54 -22.29
N ASP A 320 11.61 -0.61 -22.55
CA ASP A 320 12.96 -0.99 -22.94
C ASP A 320 13.75 -1.52 -21.75
N TRP A 321 13.22 -1.31 -20.55
CA TRP A 321 13.86 -1.78 -19.33
C TRP A 321 13.49 -3.23 -18.98
N LEU A 322 12.41 -3.74 -19.57
CA LEU A 322 11.88 -5.05 -19.21
C LEU A 322 12.93 -6.18 -19.22
N PRO A 323 13.81 -6.25 -20.24
CA PRO A 323 14.84 -7.29 -20.16
C PRO A 323 15.80 -7.13 -18.98
N ALA A 324 16.18 -5.89 -18.66
CA ALA A 324 17.03 -5.64 -17.50
C ALA A 324 16.33 -6.08 -16.21
N GLY A 325 15.02 -5.81 -16.13
CA GLY A 325 14.23 -6.27 -15.01
C GLY A 325 14.25 -7.78 -14.88
N ARG A 326 14.06 -8.46 -16.01
CA ARG A 326 14.13 -9.92 -16.05
C ARG A 326 15.47 -10.42 -15.51
N GLN A 327 16.56 -9.83 -15.99
CA GLN A 327 17.88 -10.26 -15.57
C GLN A 327 18.17 -9.95 -14.11
N CYS A 328 17.66 -8.83 -13.61
CA CYS A 328 17.92 -8.44 -12.22
C CYS A 328 17.34 -9.45 -11.23
N ILE A 329 16.17 -10.00 -11.56
CA ILE A 329 15.54 -11.01 -10.70
C ILE A 329 16.47 -12.20 -10.52
N GLU A 330 17.09 -12.63 -11.62
CA GLU A 330 18.02 -13.76 -11.57
C GLU A 330 19.27 -13.39 -10.79
N HIS A 331 19.68 -12.13 -10.91
CA HIS A 331 20.82 -11.61 -10.16
C HIS A 331 20.49 -11.61 -8.66
N TYR A 332 19.30 -11.15 -8.32
CA TYR A 332 18.84 -11.18 -6.94
C TYR A 332 18.76 -12.62 -6.43
N ARG A 333 18.22 -13.50 -7.26
CA ARG A 333 18.08 -14.91 -6.91
C ARG A 333 19.42 -15.52 -6.51
N ARG A 334 20.45 -15.28 -7.32
CA ARG A 334 21.77 -15.82 -7.07
C ARG A 334 22.33 -15.30 -5.75
N LEU A 335 21.93 -14.08 -5.41
CA LEU A 335 22.43 -13.41 -4.22
C LEU A 335 21.55 -13.67 -3.00
N ARG A 336 20.44 -14.38 -3.21
CA ARG A 336 19.43 -14.62 -2.17
C ARG A 336 18.91 -13.30 -1.59
N ARG A 337 18.89 -12.25 -2.41
N ARG A 337 18.77 -12.31 -2.46
CA ARG A 337 18.29 -10.99 -2.00
CA ARG A 337 18.30 -10.98 -2.09
C ARG A 337 16.79 -10.97 -2.25
C ARG A 337 16.80 -10.84 -2.35
N TYR A 338 16.06 -10.28 -1.38
CA TYR A 338 14.62 -10.09 -1.55
C TYR A 338 14.33 -9.19 -2.73
N CYS A 339 13.17 -9.40 -3.36
CA CYS A 339 12.70 -8.57 -4.46
C CYS A 339 11.74 -7.50 -3.94
N VAL A 340 11.75 -6.33 -4.58
CA VAL A 340 10.79 -5.29 -4.27
C VAL A 340 9.44 -5.67 -4.86
N PHE A 341 9.48 -6.31 -6.03
CA PHE A 341 8.27 -6.80 -6.68
C PHE A 341 8.59 -8.00 -7.55
N SER A 342 7.54 -8.67 -8.03
CA SER A 342 7.71 -9.83 -8.88
C SER A 342 7.65 -9.44 -10.35
N HIS A 343 8.68 -9.83 -11.09
CA HIS A 343 8.74 -9.59 -12.53
C HIS A 343 7.63 -10.34 -13.24
N GLU A 344 7.42 -11.60 -12.83
CA GLU A 344 6.30 -12.40 -13.33
C GLU A 344 4.98 -11.66 -13.19
N GLU A 345 4.73 -11.14 -12.00
CA GLU A 345 3.46 -10.48 -11.70
C GLU A 345 3.27 -9.25 -12.58
N LEU A 346 4.36 -8.51 -12.77
CA LEU A 346 4.35 -7.32 -13.60
C LEU A 346 4.00 -7.63 -15.04
N ILE A 347 4.67 -8.64 -15.59
CA ILE A 347 4.40 -9.07 -16.97
C ILE A 347 2.95 -9.53 -17.14
N CYS A 348 2.48 -10.37 -16.22
CA CYS A 348 1.13 -10.91 -16.31
C CYS A 348 0.04 -9.86 -16.10
N LYS A 349 0.30 -8.86 -15.26
CA LYS A 349 -0.67 -7.79 -15.07
C LYS A 349 -0.81 -6.95 -16.34
N MET A 350 0.31 -6.68 -17.01
CA MET A 350 0.26 -5.95 -18.27
C MET A 350 -0.36 -6.78 -19.39
N ALA A 351 -0.08 -8.08 -19.38
CA ALA A 351 -0.58 -8.98 -20.41
C ALA A 351 -2.10 -9.09 -20.34
N ALA A 352 -2.65 -8.90 -19.14
CA ALA A 352 -4.09 -9.00 -18.93
C ALA A 352 -4.83 -7.77 -19.47
N CYS A 353 -4.09 -6.72 -19.81
CA CYS A 353 -4.68 -5.50 -20.34
C CYS A 353 -3.94 -4.97 -21.57
N PRO A 354 -3.94 -5.75 -22.67
CA PRO A 354 -3.13 -5.40 -23.84
C PRO A 354 -3.45 -4.05 -24.47
N GLU A 355 -4.69 -3.59 -24.28
CA GLU A 355 -5.14 -2.37 -24.95
C GLU A 355 -4.64 -1.11 -24.24
N LYS A 356 -4.04 -1.28 -23.06
CA LYS A 356 -3.39 -0.18 -22.38
C LYS A 356 -1.92 -0.05 -22.79
N LEU A 357 -1.46 -0.95 -23.64
CA LEU A 357 -0.05 -0.99 -24.03
C LEU A 357 0.16 -0.41 -25.42
N ASP A 358 1.10 0.53 -25.55
CA ASP A 358 1.50 0.98 -26.89
C ASP A 358 2.20 -0.18 -27.57
N LEU A 359 2.37 -0.10 -28.89
CA LEU A 359 2.89 -1.24 -29.65
C LEU A 359 4.27 -1.65 -29.18
N ASN A 360 5.09 -0.69 -28.78
CA ASN A 360 6.44 -0.98 -28.28
C ASN A 360 6.41 -1.78 -26.98
N LEU A 361 5.49 -1.43 -26.08
CA LEU A 361 5.36 -2.12 -24.81
C LEU A 361 4.72 -3.49 -25.00
N ALA A 362 3.72 -3.58 -25.87
CA ALA A 362 3.06 -4.86 -26.14
C ALA A 362 4.05 -5.89 -26.68
N ALA A 363 4.93 -5.46 -27.57
CA ALA A 363 5.97 -6.33 -28.12
C ALA A 363 6.93 -6.80 -27.02
N ALA A 364 7.34 -5.87 -26.17
CA ALA A 364 8.28 -6.18 -25.10
C ALA A 364 7.68 -7.14 -24.08
N VAL A 365 6.40 -6.94 -23.76
CA VAL A 365 5.72 -7.78 -22.79
C VAL A 365 5.51 -9.19 -23.36
N HIS A 366 5.16 -9.27 -24.64
CA HIS A 366 4.99 -10.56 -25.29
C HIS A 366 6.28 -11.37 -25.28
N LYS A 367 7.40 -10.69 -25.53
CA LYS A 367 8.72 -11.32 -25.50
C LYS A 367 8.97 -11.96 -24.15
N GLU A 368 8.72 -11.21 -23.09
CA GLU A 368 8.92 -11.70 -21.72
C GLU A 368 7.93 -12.80 -21.38
N MET A 369 6.67 -12.59 -21.77
CA MET A 369 5.61 -13.54 -21.50
C MET A 369 5.89 -14.89 -22.16
N PHE A 370 6.41 -14.86 -23.37
CA PHE A 370 6.60 -16.08 -24.15
C PHE A 370 7.54 -17.05 -23.45
N ILE A 371 8.68 -16.55 -22.96
CA ILE A 371 9.63 -17.44 -22.29
C ILE A 371 9.18 -17.80 -20.88
N MET A 372 8.44 -16.89 -20.24
CA MET A 372 7.84 -17.20 -18.94
C MET A 372 6.92 -18.40 -19.03
N VAL A 373 6.12 -18.45 -20.09
CA VAL A 373 5.20 -19.55 -20.30
C VAL A 373 5.95 -20.87 -20.57
N GLN A 374 7.01 -20.79 -21.36
CA GLN A 374 7.76 -22.00 -21.70
C GLN A 374 8.48 -22.55 -20.47
N GLU A 375 9.04 -21.66 -19.66
CA GLU A 375 9.69 -22.10 -18.42
C GLU A 375 8.67 -22.72 -17.48
N GLU A 376 7.49 -22.10 -17.39
CA GLU A 376 6.45 -22.60 -16.52
C GLU A 376 5.98 -23.99 -16.97
N ARG A 377 5.88 -24.19 -18.28
CA ARG A 377 5.50 -25.50 -18.81
C ARG A 377 6.52 -26.54 -18.39
N ARG A 378 7.80 -26.17 -18.44
CA ARG A 378 8.87 -27.09 -18.07
C ARG A 378 8.84 -27.41 -16.58
N LEU A 379 8.71 -26.37 -15.76
CA LEU A 379 8.74 -26.53 -14.31
C LEU A 379 7.56 -27.35 -13.77
N ARG A 380 6.37 -27.13 -14.32
CA ARG A 380 5.21 -27.89 -13.89
C ARG A 380 5.28 -29.35 -14.33
N LYS A 381 5.86 -29.59 -15.50
CA LYS A 381 6.07 -30.95 -15.96
C LYS A 381 7.04 -31.67 -15.02
N ALA A 382 8.10 -30.99 -14.63
CA ALA A 382 9.06 -31.54 -13.69
C ALA A 382 8.42 -31.87 -12.34
N LEU A 383 7.46 -31.05 -11.93
CA LEU A 383 6.76 -31.25 -10.66
C LEU A 383 5.91 -32.51 -10.68
N LEU A 384 5.28 -32.78 -11.81
CA LEU A 384 4.46 -33.99 -11.97
C LEU A 384 5.34 -35.22 -11.93
N GLU A 385 6.52 -35.12 -12.54
CA GLU A 385 7.46 -36.23 -12.58
C GLU A 385 7.98 -36.57 -11.17
N LYS A 386 8.02 -35.57 -10.30
CA LYS A 386 8.42 -35.78 -8.91
C LYS A 386 7.33 -36.54 -8.15
N GLY A 387 6.09 -36.46 -8.64
CA GLY A 387 4.98 -37.18 -8.05
C GLY A 387 3.89 -36.34 -7.43
N ILE A 388 4.09 -35.03 -7.38
CA ILE A 388 3.08 -34.12 -6.84
C ILE A 388 1.87 -34.01 -7.76
N THR A 389 0.68 -34.25 -7.22
CA THR A 389 -0.54 -34.25 -8.02
C THR A 389 -1.59 -33.26 -7.53
N GLU A 390 -1.59 -32.96 -6.23
CA GLU A 390 -2.58 -32.05 -5.66
C GLU A 390 -2.25 -30.60 -6.01
N ALA A 391 -3.27 -29.80 -6.23
CA ALA A 391 -3.09 -28.41 -6.64
C ALA A 391 -4.22 -27.50 -6.18
N GLU A 392 -3.86 -26.28 -5.78
CA GLU A 392 -4.84 -25.27 -5.37
C GLU A 392 -4.55 -23.95 -6.06
N ARG A 393 -5.60 -23.27 -6.53
CA ARG A 393 -5.41 -21.96 -7.14
C ARG A 393 -5.11 -20.95 -6.05
N GLU A 394 -4.15 -20.06 -6.31
CA GLU A 394 -3.79 -19.03 -5.34
C GLU A 394 -3.58 -17.69 -6.03
N ALA A 395 -4.22 -16.65 -5.50
CA ALA A 395 -4.03 -15.30 -6.00
C ALA A 395 -2.88 -14.64 -5.27
N PHE A 396 -1.65 -15.00 -5.66
CA PHE A 396 -0.45 -14.57 -4.96
C PHE A 396 -0.33 -13.06 -4.79
N GLU A 397 -0.84 -12.29 -5.76
CA GLU A 397 -0.70 -10.85 -5.70
C GLU A 397 -1.48 -10.24 -4.53
N LEU A 398 -2.35 -11.04 -3.91
CA LEU A 398 -3.14 -10.57 -2.78
C LEU A 398 -2.52 -10.94 -1.44
N LEU A 399 -1.41 -11.65 -1.46
CA LEU A 399 -0.71 -12.04 -0.24
C LEU A 399 0.39 -11.04 0.08
N PRO A 400 0.71 -10.88 1.37
CA PRO A 400 1.89 -10.08 1.72
C PRO A 400 3.15 -10.77 1.22
N ASP A 401 4.20 -9.99 0.96
CA ASP A 401 5.43 -10.52 0.40
C ASP A 401 6.04 -11.66 1.22
N ASP A 402 5.98 -11.55 2.54
CA ASP A 402 6.61 -12.54 3.40
C ASP A 402 5.88 -13.89 3.37
N GLU A 403 4.71 -13.91 2.74
CA GLU A 403 3.97 -15.15 2.52
C GLU A 403 4.13 -15.60 1.06
N ARG A 404 5.07 -14.98 0.35
CA ARG A 404 5.22 -15.19 -1.08
C ARG A 404 6.63 -15.62 -1.46
N GLN A 405 7.53 -15.63 -0.48
CA GLN A 405 8.94 -15.82 -0.76
C GLN A 405 9.39 -17.28 -0.72
N CYS A 406 10.16 -17.66 -1.73
CA CYS A 406 10.81 -18.96 -1.76
C CYS A 406 11.83 -19.04 -0.63
N ILE A 407 11.73 -20.07 0.20
CA ILE A 407 12.62 -20.19 1.35
C ILE A 407 14.06 -20.47 0.91
N LYS A 408 14.22 -20.91 -0.32
CA LYS A 408 15.55 -21.24 -0.86
C LYS A 408 16.26 -20.03 -1.47
N CYS A 409 15.63 -19.40 -2.45
CA CYS A 409 16.28 -18.32 -3.21
C CYS A 409 15.70 -16.95 -2.91
N LYS A 410 14.72 -16.90 -2.02
CA LYS A 410 14.15 -15.65 -1.52
C LYS A 410 13.38 -14.85 -2.56
N THR A 411 13.16 -15.43 -3.74
CA THR A 411 12.42 -14.76 -4.79
C THR A 411 10.93 -14.66 -4.43
N THR A 412 10.25 -13.67 -5.01
CA THR A 412 8.81 -13.52 -4.80
C THR A 412 8.05 -14.36 -5.80
N CYS A 413 7.24 -15.30 -5.30
CA CYS A 413 6.48 -16.18 -6.17
C CYS A 413 5.23 -15.49 -6.70
N PHE A 414 4.82 -15.86 -7.91
CA PHE A 414 3.57 -15.37 -8.47
C PHE A 414 2.85 -16.42 -9.31
N LEU A 415 3.53 -16.94 -10.32
CA LEU A 415 2.90 -17.92 -11.21
C LEU A 415 2.58 -19.22 -10.50
N SER A 416 3.48 -19.63 -9.61
CA SER A 416 3.34 -20.90 -8.93
C SER A 416 4.32 -21.03 -7.77
N ALA A 417 4.03 -22.01 -6.91
CA ALA A 417 4.89 -22.33 -5.77
C ALA A 417 4.56 -23.73 -5.27
N LEU A 418 5.53 -24.36 -4.61
CA LEU A 418 5.27 -25.65 -3.99
C LEU A 418 5.15 -25.46 -2.48
N ALA A 419 4.10 -26.02 -1.91
CA ALA A 419 3.88 -25.96 -0.47
C ALA A 419 3.67 -27.37 0.08
N CYS A 420 3.58 -27.47 1.41
CA CYS A 420 3.37 -28.76 2.06
C CYS A 420 2.28 -28.67 3.13
N TYR A 421 1.43 -29.69 3.17
CA TYR A 421 0.34 -29.72 4.15
C TYR A 421 0.84 -29.86 5.59
N ASP A 422 2.01 -30.50 5.75
CA ASP A 422 2.55 -30.76 7.08
C ASP A 422 3.59 -29.73 7.49
N CYS A 423 4.06 -28.94 6.53
CA CYS A 423 5.00 -27.86 6.81
C CYS A 423 4.43 -26.52 6.35
N PRO A 424 3.51 -25.95 7.14
CA PRO A 424 2.72 -24.76 6.77
C PRO A 424 3.54 -23.50 6.54
N ASP A 425 4.71 -23.39 7.16
CA ASP A 425 5.53 -22.19 6.99
C ASP A 425 6.32 -22.22 5.68
N GLY A 426 6.48 -23.40 5.10
CA GLY A 426 7.34 -23.57 3.95
C GLY A 426 6.73 -23.15 2.62
N LEU A 427 7.58 -22.63 1.75
CA LEU A 427 7.18 -22.28 0.39
C LEU A 427 8.42 -22.20 -0.51
N VAL A 428 8.38 -22.84 -1.67
CA VAL A 428 9.43 -22.70 -2.65
C VAL A 428 8.86 -22.37 -4.03
N CYS A 429 9.64 -21.67 -4.84
CA CYS A 429 9.29 -21.50 -6.25
C CYS A 429 9.55 -22.83 -6.95
N LEU A 430 9.01 -22.99 -8.16
CA LEU A 430 9.09 -24.28 -8.83
C LEU A 430 10.49 -24.57 -9.37
N SER A 431 11.40 -23.62 -9.24
CA SER A 431 12.78 -23.86 -9.59
C SER A 431 13.51 -24.60 -8.45
N HIS A 432 12.85 -24.68 -7.30
CA HIS A 432 13.46 -25.29 -6.11
C HIS A 432 12.56 -26.29 -5.39
N ILE A 433 11.90 -27.15 -6.16
CA ILE A 433 10.92 -28.09 -5.59
C ILE A 433 11.57 -29.13 -4.68
N ASN A 434 12.89 -29.27 -4.77
CA ASN A 434 13.61 -30.23 -3.95
C ASN A 434 14.12 -29.63 -2.64
N ASP A 435 13.83 -28.35 -2.42
CA ASP A 435 14.35 -27.65 -1.26
C ASP A 435 13.26 -27.18 -0.29
N LEU A 436 12.08 -27.76 -0.38
CA LEU A 436 10.98 -27.38 0.49
C LEU A 436 11.03 -28.12 1.82
N CYS A 437 10.99 -29.45 1.74
CA CYS A 437 10.99 -30.30 2.92
C CYS A 437 11.24 -31.76 2.52
N LYS A 438 11.29 -32.64 3.51
CA LYS A 438 11.62 -34.04 3.28
C LYS A 438 10.38 -34.94 3.20
N CYS A 439 9.21 -34.35 3.38
CA CYS A 439 7.96 -35.10 3.36
C CYS A 439 7.72 -35.76 1.99
N SER A 440 6.87 -36.78 1.98
CA SER A 440 6.57 -37.49 0.74
C SER A 440 5.73 -36.63 -0.20
N SER A 441 5.78 -36.97 -1.48
CA SER A 441 5.10 -36.21 -2.53
C SER A 441 3.60 -36.03 -2.28
N SER A 442 3.00 -36.99 -1.59
CA SER A 442 1.56 -36.96 -1.32
C SER A 442 1.17 -35.83 -0.36
N ARG A 443 2.15 -35.28 0.36
CA ARG A 443 1.86 -34.23 1.33
C ARG A 443 2.22 -32.85 0.79
N GLN A 444 2.84 -32.80 -0.39
CA GLN A 444 3.17 -31.53 -1.02
C GLN A 444 2.14 -31.21 -2.10
N TYR A 445 1.92 -29.93 -2.37
CA TYR A 445 0.93 -29.54 -3.36
C TYR A 445 1.29 -28.26 -4.10
N LEU A 446 0.79 -28.15 -5.32
CA LEU A 446 1.05 -27.00 -6.17
C LEU A 446 0.09 -25.86 -5.88
N ARG A 447 0.63 -24.67 -5.67
CA ARG A 447 -0.19 -23.47 -5.59
C ARG A 447 0.06 -22.68 -6.86
N TYR A 448 -0.98 -22.46 -7.64
CA TYR A 448 -0.82 -21.88 -8.97
C TYR A 448 -1.71 -20.66 -9.17
N ARG A 449 -1.21 -19.71 -9.95
CA ARG A 449 -1.98 -18.52 -10.26
C ARG A 449 -2.86 -18.77 -11.47
N TYR A 450 -2.29 -19.44 -12.47
CA TYR A 450 -3.00 -19.81 -13.68
C TYR A 450 -2.74 -21.27 -14.03
N THR A 451 -3.72 -21.90 -14.66
CA THR A 451 -3.52 -23.22 -15.23
C THR A 451 -2.68 -23.09 -16.50
N LEU A 452 -2.05 -24.17 -16.93
CA LEU A 452 -1.26 -24.15 -18.16
C LEU A 452 -2.12 -23.79 -19.38
N ASP A 453 -3.33 -24.34 -19.44
CA ASP A 453 -4.37 -23.93 -20.39
C ASP A 453 -4.59 -22.41 -20.49
N GLU A 454 -4.68 -21.72 -19.36
CA GLU A 454 -5.01 -20.29 -19.34
C GLU A 454 -3.94 -19.40 -19.99
N LEU A 455 -2.71 -19.88 -20.05
CA LEU A 455 -1.58 -19.07 -20.49
C LEU A 455 -1.48 -18.80 -22.00
N PRO A 456 -1.76 -19.81 -22.86
CA PRO A 456 -1.73 -19.49 -24.30
C PRO A 456 -2.70 -18.38 -24.69
N ALA A 457 -3.85 -18.33 -24.04
CA ALA A 457 -4.86 -17.31 -24.31
C ALA A 457 -4.30 -15.91 -24.02
N MET A 458 -3.55 -15.79 -22.94
CA MET A 458 -2.93 -14.53 -22.59
C MET A 458 -1.89 -14.13 -23.63
N LEU A 459 -1.04 -15.08 -24.01
CA LEU A 459 -0.04 -14.87 -25.05
C LEU A 459 -0.66 -14.39 -26.36
N HIS A 460 -1.75 -15.03 -26.75
CA HIS A 460 -2.40 -14.74 -28.02
C HIS A 460 -2.95 -13.32 -28.06
N LYS A 461 -3.53 -12.88 -26.95
CA LYS A 461 -4.09 -11.53 -26.86
C LYS A 461 -3.01 -10.47 -27.01
N LEU A 462 -1.85 -10.70 -26.39
CA LEU A 462 -0.70 -9.84 -26.54
C LEU A 462 -0.22 -9.77 -27.99
N LYS A 463 -0.14 -10.93 -28.62
CA LYS A 463 0.38 -11.03 -29.99
C LYS A 463 -0.51 -10.27 -30.95
N VAL A 464 -1.82 -10.41 -30.79
CA VAL A 464 -2.79 -9.68 -31.61
C VAL A 464 -2.62 -8.19 -31.44
N ARG A 465 -2.47 -7.75 -30.19
CA ARG A 465 -2.30 -6.35 -29.87
C ARG A 465 -1.03 -5.78 -30.51
N ALA A 466 0.08 -6.49 -30.35
CA ALA A 466 1.37 -6.04 -30.88
C ALA A 466 1.36 -6.03 -32.41
N GLU A 467 0.43 -6.77 -33.01
CA GLU A 467 0.32 -6.85 -34.46
C GLU A 467 -0.64 -5.82 -35.04
N SER A 468 -0.85 -4.72 -34.32
CA SER A 468 -1.78 -3.68 -34.77
C SER A 468 -1.04 -2.49 -35.36
N SER B 1 -41.94 -24.32 20.24
CA SER B 1 -42.43 -23.53 19.11
C SER B 1 -41.39 -23.43 18.01
N MET B 2 -41.84 -23.10 16.81
CA MET B 2 -40.94 -22.82 15.71
C MET B 2 -40.29 -21.45 15.90
N PHE B 3 -39.30 -21.15 15.06
CA PHE B 3 -38.56 -19.89 15.14
C PHE B 3 -39.46 -18.66 15.12
N LEU B 4 -39.22 -17.75 16.06
CA LEU B 4 -39.92 -16.48 16.08
C LEU B 4 -39.09 -15.41 15.38
N PRO B 5 -39.63 -14.85 14.30
CA PRO B 5 -38.92 -13.77 13.59
C PRO B 5 -38.83 -12.51 14.46
N PRO B 6 -37.62 -11.94 14.61
CA PRO B 6 -37.49 -10.68 15.32
C PRO B 6 -38.27 -9.56 14.62
N PRO B 7 -38.55 -8.45 15.32
CA PRO B 7 -39.19 -7.31 14.67
C PRO B 7 -38.37 -6.84 13.46
N GLU B 8 -39.03 -6.28 12.46
CA GLU B 8 -38.35 -5.84 11.25
C GLU B 8 -37.50 -4.60 11.50
N CYS B 9 -36.31 -4.57 10.91
CA CYS B 9 -35.43 -3.41 11.04
C CYS B 9 -36.02 -2.24 10.23
N PRO B 10 -35.60 -1.01 10.55
CA PRO B 10 -36.17 0.12 9.78
C PRO B 10 -35.75 0.09 8.32
N VAL B 11 -36.66 0.51 7.45
CA VAL B 11 -36.40 0.57 6.02
C VAL B 11 -36.49 2.02 5.55
N PHE B 12 -35.48 2.46 4.81
CA PHE B 12 -35.44 3.84 4.35
C PHE B 12 -35.52 3.92 2.83
N GLU B 13 -36.31 4.88 2.34
CA GLU B 13 -36.47 5.08 0.91
C GLU B 13 -36.19 6.53 0.55
N PRO B 14 -34.89 6.86 0.39
CA PRO B 14 -34.49 8.24 0.10
C PRO B 14 -34.99 8.73 -1.25
N SER B 15 -35.41 9.99 -1.30
CA SER B 15 -35.69 10.67 -2.56
C SER B 15 -34.39 10.83 -3.33
N TRP B 16 -34.49 11.22 -4.60
CA TRP B 16 -33.29 11.50 -5.38
C TRP B 16 -32.44 12.58 -4.73
N ALA B 17 -33.09 13.60 -4.18
CA ALA B 17 -32.40 14.69 -3.50
C ALA B 17 -31.58 14.16 -2.32
N GLU B 18 -32.22 13.34 -1.48
CA GLU B 18 -31.54 12.72 -0.35
C GLU B 18 -30.44 11.76 -0.78
N PHE B 19 -30.68 11.05 -1.87
CA PHE B 19 -29.77 10.01 -2.36
C PHE B 19 -28.45 10.57 -2.90
N ARG B 20 -28.46 11.86 -3.24
CA ARG B 20 -27.29 12.51 -3.84
C ARG B 20 -26.09 12.59 -2.90
N ASP B 21 -26.36 12.63 -1.59
CA ASP B 21 -25.29 12.73 -0.60
C ASP B 21 -25.38 11.56 0.37
N PRO B 22 -24.69 10.45 0.05
CA PRO B 22 -24.79 9.21 0.82
C PRO B 22 -24.39 9.33 2.29
N LEU B 23 -23.21 9.90 2.57
CA LEU B 23 -22.77 10.00 3.95
C LEU B 23 -23.65 10.98 4.71
N GLY B 24 -24.10 12.02 4.01
CA GLY B 24 -25.06 12.95 4.57
C GLY B 24 -26.35 12.26 4.94
N TYR B 25 -26.84 11.41 4.03
CA TYR B 25 -28.10 10.70 4.27
C TYR B 25 -27.98 9.72 5.44
N ILE B 26 -26.88 8.97 5.45
CA ILE B 26 -26.63 8.01 6.51
C ILE B 26 -26.53 8.70 7.88
N ALA B 27 -25.88 9.87 7.91
CA ALA B 27 -25.79 10.64 9.13
C ALA B 27 -27.17 11.07 9.61
N LYS B 28 -28.05 11.41 8.65
CA LYS B 28 -29.40 11.84 8.97
C LYS B 28 -30.25 10.73 9.58
N ILE B 29 -30.12 9.51 9.05
CA ILE B 29 -30.95 8.40 9.52
C ILE B 29 -30.36 7.70 10.73
N ARG B 30 -29.08 8.00 11.03
CA ARG B 30 -28.37 7.31 12.10
C ARG B 30 -29.06 7.33 13.47
N PRO B 31 -29.60 8.49 13.91
CA PRO B 31 -30.27 8.49 15.22
C PRO B 31 -31.41 7.47 15.35
N ILE B 32 -32.13 7.20 14.26
CA ILE B 32 -33.15 6.17 14.28
C ILE B 32 -32.53 4.78 14.08
N ALA B 33 -31.70 4.65 13.06
CA ALA B 33 -31.18 3.34 12.66
C ALA B 33 -30.25 2.72 13.72
N GLU B 34 -29.50 3.53 14.44
CA GLU B 34 -28.56 2.99 15.43
C GLU B 34 -29.27 2.38 16.63
N LYS B 35 -30.55 2.71 16.79
CA LYS B 35 -31.39 2.06 17.79
C LYS B 35 -31.66 0.60 17.43
N SER B 36 -31.45 0.26 16.16
CA SER B 36 -31.66 -1.11 15.67
C SER B 36 -30.36 -1.83 15.35
N GLY B 37 -29.33 -1.08 14.97
CA GLY B 37 -28.03 -1.68 14.67
C GLY B 37 -27.81 -1.91 13.19
N ILE B 38 -28.85 -2.30 12.48
CA ILE B 38 -28.84 -2.37 11.03
C ILE B 38 -30.06 -1.67 10.48
N CYS B 39 -29.99 -1.27 9.22
CA CYS B 39 -31.16 -0.75 8.52
C CYS B 39 -31.05 -1.08 7.05
N LYS B 40 -32.17 -0.95 6.35
CA LYS B 40 -32.23 -1.22 4.93
C LYS B 40 -32.49 0.07 4.18
N ILE B 41 -31.78 0.26 3.07
CA ILE B 41 -31.99 1.43 2.23
C ILE B 41 -32.37 0.99 0.82
N ARG B 42 -33.54 1.44 0.37
CA ARG B 42 -33.97 1.18 -1.00
C ARG B 42 -33.68 2.41 -1.85
N PRO B 43 -32.77 2.26 -2.84
CA PRO B 43 -32.45 3.37 -3.74
C PRO B 43 -33.66 3.75 -4.57
N PRO B 44 -33.67 4.97 -5.13
CA PRO B 44 -34.72 5.37 -6.07
C PRO B 44 -34.90 4.34 -7.18
N ALA B 45 -36.14 4.17 -7.62
CA ALA B 45 -36.55 3.07 -8.50
C ALA B 45 -35.66 2.87 -9.75
N ASP B 46 -35.13 3.96 -10.31
CA ASP B 46 -34.32 3.82 -11.52
C ASP B 46 -32.81 3.93 -11.32
N TRP B 47 -32.34 3.87 -10.07
CA TRP B 47 -30.91 3.73 -9.83
C TRP B 47 -30.53 2.26 -9.95
N GLN B 48 -30.02 1.87 -11.12
CA GLN B 48 -29.91 0.44 -11.46
C GLN B 48 -28.63 0.18 -12.22
N PRO B 49 -27.51 0.08 -11.47
CA PRO B 49 -26.14 -0.08 -11.98
C PRO B 49 -25.96 -1.43 -12.65
N PRO B 50 -25.43 -1.43 -13.89
CA PRO B 50 -25.22 -2.69 -14.60
C PRO B 50 -24.15 -3.53 -13.92
N PHE B 51 -24.40 -4.83 -13.80
CA PHE B 51 -23.48 -5.74 -13.15
C PHE B 51 -22.16 -5.78 -13.94
N ALA B 52 -21.04 -5.55 -13.26
CA ALA B 52 -19.79 -5.27 -13.94
C ALA B 52 -18.82 -6.44 -13.98
N VAL B 53 -19.04 -7.46 -13.17
CA VAL B 53 -18.18 -8.63 -13.19
C VAL B 53 -18.37 -9.36 -14.51
N GLU B 54 -17.28 -9.74 -15.17
CA GLU B 54 -17.43 -10.56 -16.36
C GLU B 54 -17.62 -12.00 -15.89
N VAL B 55 -18.83 -12.48 -16.10
CA VAL B 55 -19.35 -13.69 -15.48
C VAL B 55 -18.60 -14.98 -15.84
N ASP B 56 -18.09 -15.05 -17.07
CA ASP B 56 -17.50 -16.31 -17.54
C ASP B 56 -16.07 -16.52 -17.05
N ASN B 57 -15.44 -15.48 -16.51
CA ASN B 57 -14.15 -15.66 -15.86
C ASN B 57 -14.26 -15.29 -14.39
N PHE B 58 -15.31 -15.78 -13.76
CA PHE B 58 -15.41 -15.69 -12.31
C PHE B 58 -15.35 -17.11 -11.74
N ARG B 59 -14.30 -17.38 -10.97
CA ARG B 59 -14.12 -18.71 -10.39
C ARG B 59 -13.79 -18.62 -8.91
N PHE B 60 -14.19 -19.62 -8.15
CA PHE B 60 -13.92 -19.60 -6.71
C PHE B 60 -14.07 -20.97 -6.08
N THR B 61 -13.41 -21.15 -4.95
CA THR B 61 -13.56 -22.34 -4.13
C THR B 61 -14.29 -21.94 -2.84
N PRO B 62 -15.58 -22.30 -2.75
CA PRO B 62 -16.38 -21.87 -1.59
C PRO B 62 -15.97 -22.60 -0.33
N ARG B 63 -16.26 -22.02 0.83
CA ARG B 63 -15.99 -22.69 2.09
C ARG B 63 -17.14 -23.64 2.42
N ILE B 64 -16.83 -24.73 3.09
CA ILE B 64 -17.83 -25.71 3.47
C ILE B 64 -18.41 -25.37 4.83
N GLN B 65 -19.74 -25.29 4.89
CA GLN B 65 -20.43 -24.99 6.14
C GLN B 65 -21.37 -26.10 6.56
N ARG B 66 -21.12 -26.69 7.73
CA ARG B 66 -22.09 -27.61 8.32
C ARG B 66 -22.93 -26.84 9.33
N LEU B 67 -24.24 -26.87 9.13
CA LEU B 67 -25.14 -25.95 9.82
C LEU B 67 -25.19 -26.15 11.33
N ASN B 68 -25.07 -27.39 11.79
CA ASN B 68 -25.09 -27.65 13.24
C ASN B 68 -23.70 -27.48 13.87
N GLU B 69 -22.74 -27.04 13.07
CA GLU B 69 -21.42 -26.64 13.55
C GLU B 69 -20.97 -25.41 12.75
N LEU B 70 -21.50 -24.26 13.14
CA LEU B 70 -21.48 -22.96 12.42
C LEU B 70 -22.75 -22.87 11.56
N THR B 88 -15.07 -29.05 -1.77
CA THR B 88 -13.83 -29.48 -2.43
C THR B 88 -13.56 -28.53 -3.57
N ARG B 89 -14.46 -28.70 -4.52
CA ARG B 89 -14.51 -28.12 -5.86
C ARG B 89 -14.26 -26.63 -6.07
N GLU B 90 -13.64 -26.29 -7.20
CA GLU B 90 -13.67 -24.93 -7.69
C GLU B 90 -14.92 -24.77 -8.55
N TYR B 91 -15.55 -23.59 -8.49
CA TYR B 91 -16.77 -23.35 -9.25
C TYR B 91 -16.62 -22.14 -10.16
N THR B 92 -17.43 -22.12 -11.22
CA THR B 92 -17.75 -20.88 -11.91
C THR B 92 -19.08 -20.38 -11.33
N LEU B 93 -19.45 -19.15 -11.65
CA LEU B 93 -20.74 -18.62 -11.19
C LEU B 93 -21.89 -19.47 -11.68
N GLN B 94 -21.81 -19.93 -12.92
CA GLN B 94 -22.89 -20.72 -13.52
C GLN B 94 -23.01 -22.08 -12.86
N SER B 95 -21.88 -22.77 -12.65
CA SER B 95 -21.94 -24.11 -12.08
C SER B 95 -22.26 -24.06 -10.58
N PHE B 96 -21.88 -22.97 -9.92
CA PHE B 96 -22.26 -22.82 -8.51
C PHE B 96 -23.77 -22.60 -8.41
N GLY B 97 -24.29 -21.73 -9.27
CA GLY B 97 -25.71 -21.45 -9.32
C GLY B 97 -26.56 -22.66 -9.64
N GLU B 98 -26.06 -23.53 -10.51
CA GLU B 98 -26.80 -24.73 -10.89
C GLU B 98 -26.84 -25.69 -9.71
N MET B 99 -25.72 -25.83 -9.01
CA MET B 99 -25.66 -26.62 -7.79
C MET B 99 -26.58 -26.04 -6.71
N ALA B 100 -26.52 -24.72 -6.56
CA ALA B 100 -27.28 -24.02 -5.53
C ALA B 100 -28.77 -24.24 -5.71
N ASP B 101 -29.25 -24.03 -6.94
CA ASP B 101 -30.67 -24.16 -7.27
C ASP B 101 -31.18 -25.59 -7.09
N SER B 102 -30.38 -26.57 -7.56
CA SER B 102 -30.77 -27.97 -7.44
C SER B 102 -30.82 -28.40 -5.98
N PHE B 103 -29.87 -27.94 -5.18
CA PHE B 103 -29.86 -28.24 -3.75
C PHE B 103 -31.15 -27.75 -3.09
N LYS B 104 -31.50 -26.49 -3.33
CA LYS B 104 -32.67 -25.89 -2.69
C LYS B 104 -33.95 -26.61 -3.12
N ALA B 105 -34.07 -26.87 -4.43
CA ALA B 105 -35.28 -27.52 -4.95
C ALA B 105 -35.40 -28.93 -4.40
N ASP B 106 -34.27 -29.63 -4.27
CA ASP B 106 -34.30 -31.00 -3.79
C ASP B 106 -34.52 -31.05 -2.28
N TYR B 107 -33.97 -30.09 -1.54
CA TYR B 107 -34.11 -30.12 -0.10
C TYR B 107 -35.53 -29.72 0.34
N PHE B 108 -36.09 -28.70 -0.27
CA PHE B 108 -37.42 -28.23 0.09
C PHE B 108 -38.52 -28.97 -0.66
N ASN B 109 -38.13 -29.71 -1.70
CA ASN B 109 -39.11 -30.42 -2.54
C ASN B 109 -40.17 -29.46 -3.07
N MET B 110 -39.73 -28.26 -3.46
CA MET B 110 -40.57 -27.23 -4.02
C MET B 110 -39.80 -26.61 -5.19
N PRO B 111 -40.50 -25.95 -6.13
CA PRO B 111 -39.76 -25.22 -7.15
C PRO B 111 -38.87 -24.17 -6.49
N VAL B 112 -37.68 -23.93 -7.07
CA VAL B 112 -36.62 -23.19 -6.40
C VAL B 112 -37.03 -21.76 -5.99
N HIS B 113 -37.93 -21.16 -6.75
CA HIS B 113 -38.34 -19.79 -6.46
C HIS B 113 -39.73 -19.69 -5.84
N MET B 114 -40.21 -20.81 -5.30
CA MET B 114 -41.54 -20.85 -4.71
C MET B 114 -41.50 -21.10 -3.20
N VAL B 115 -40.30 -21.04 -2.62
CA VAL B 115 -40.18 -21.28 -1.18
C VAL B 115 -40.26 -19.97 -0.39
N PRO B 116 -41.29 -19.83 0.46
CA PRO B 116 -41.46 -18.63 1.27
C PRO B 116 -40.23 -18.38 2.15
N THR B 117 -39.85 -17.12 2.30
CA THR B 117 -38.67 -16.76 3.09
C THR B 117 -38.85 -17.17 4.55
N GLU B 118 -40.08 -17.11 5.04
CA GLU B 118 -40.40 -17.51 6.42
C GLU B 118 -40.15 -19.00 6.64
N LEU B 119 -40.50 -19.80 5.63
CA LEU B 119 -40.31 -21.25 5.69
C LEU B 119 -38.83 -21.60 5.73
N VAL B 120 -38.05 -20.99 4.84
CA VAL B 120 -36.60 -21.19 4.80
C VAL B 120 -35.98 -20.78 6.12
N GLU B 121 -36.43 -19.65 6.64
CA GLU B 121 -35.89 -19.11 7.88
C GLU B 121 -36.12 -20.05 9.05
N LYS B 122 -37.36 -20.51 9.22
CA LYS B 122 -37.71 -21.43 10.28
C LYS B 122 -36.91 -22.73 10.19
N GLU B 123 -36.73 -23.23 8.97
CA GLU B 123 -35.99 -24.47 8.78
C GLU B 123 -34.49 -24.30 9.02
N PHE B 124 -33.95 -23.14 8.63
CA PHE B 124 -32.54 -22.83 8.89
C PHE B 124 -32.21 -22.95 10.37
N TRP B 125 -32.99 -22.27 11.21
CA TRP B 125 -32.70 -22.25 12.65
C TRP B 125 -32.99 -23.58 13.32
N ARG B 126 -33.93 -24.34 12.77
CA ARG B 126 -34.16 -25.71 13.25
C ARG B 126 -32.93 -26.58 12.98
N LEU B 127 -32.38 -26.44 11.77
CA LEU B 127 -31.23 -27.23 11.36
C LEU B 127 -29.96 -26.89 12.15
N VAL B 128 -29.75 -25.60 12.38
CA VAL B 128 -28.62 -25.13 13.17
C VAL B 128 -28.58 -25.82 14.54
N ASN B 129 -29.75 -26.07 15.11
CA ASN B 129 -29.84 -26.67 16.44
C ASN B 129 -30.08 -28.19 16.42
N SER B 130 -29.89 -28.81 15.26
CA SER B 130 -30.19 -30.23 15.12
C SER B 130 -28.92 -31.08 15.01
N ILE B 131 -28.60 -31.78 16.09
CA ILE B 131 -27.36 -32.56 16.16
C ILE B 131 -27.41 -33.79 15.25
N GLU B 132 -28.59 -34.34 15.04
CA GLU B 132 -28.75 -35.60 14.33
C GLU B 132 -28.72 -35.43 12.80
N GLU B 133 -29.08 -34.25 12.32
CA GLU B 133 -29.18 -34.04 10.88
C GLU B 133 -27.92 -33.37 10.34
N ASP B 134 -27.38 -33.96 9.28
CA ASP B 134 -26.11 -33.52 8.72
C ASP B 134 -26.32 -32.73 7.44
N VAL B 135 -26.75 -31.48 7.57
CA VAL B 135 -26.92 -30.61 6.40
C VAL B 135 -25.71 -29.72 6.18
N THR B 136 -25.15 -29.81 4.98
CA THR B 136 -23.93 -29.08 4.64
C THR B 136 -24.12 -28.26 3.37
N VAL B 137 -23.67 -27.00 3.39
CA VAL B 137 -23.74 -26.16 2.21
C VAL B 137 -22.38 -25.52 1.92
N GLU B 138 -22.32 -24.70 0.88
CA GLU B 138 -21.08 -24.06 0.47
C GLU B 138 -21.31 -22.56 0.29
N TYR B 139 -20.30 -21.76 0.63
CA TYR B 139 -20.46 -20.31 0.54
C TYR B 139 -19.23 -19.68 -0.07
N GLY B 140 -19.44 -18.94 -1.17
CA GLY B 140 -18.37 -18.17 -1.78
C GLY B 140 -18.18 -16.88 -1.01
N ALA B 141 -17.63 -16.98 0.19
CA ALA B 141 -17.54 -15.84 1.09
C ALA B 141 -16.17 -15.17 1.03
N ASP B 142 -16.15 -13.87 1.32
CA ASP B 142 -14.92 -13.09 1.42
C ASP B 142 -14.06 -13.14 0.16
N ILE B 143 -14.70 -13.00 -0.99
CA ILE B 143 -13.98 -12.94 -2.26
C ILE B 143 -13.49 -11.52 -2.51
N HIS B 144 -12.17 -11.38 -2.66
N HIS B 144 -12.17 -11.36 -2.65
CA HIS B 144 -11.54 -10.10 -2.96
CA HIS B 144 -11.60 -10.04 -2.87
C HIS B 144 -12.09 -9.55 -4.28
C HIS B 144 -12.00 -9.52 -4.25
N SER B 145 -12.49 -8.28 -4.29
CA SER B 145 -12.99 -7.69 -5.53
C SER B 145 -11.89 -7.36 -6.54
N LYS B 146 -10.63 -7.35 -6.10
CA LYS B 146 -9.53 -7.13 -7.02
C LYS B 146 -9.28 -8.36 -7.89
N GLU B 147 -9.60 -9.53 -7.35
CA GLU B 147 -9.33 -10.79 -8.04
C GLU B 147 -10.05 -10.88 -9.39
N PHE B 148 -11.33 -10.53 -9.43
CA PHE B 148 -12.10 -10.61 -10.68
C PHE B 148 -12.84 -9.33 -11.03
N GLY B 149 -12.75 -8.31 -10.16
CA GLY B 149 -13.47 -7.08 -10.38
C GLY B 149 -14.65 -6.90 -9.44
N SER B 150 -15.10 -5.66 -9.30
CA SER B 150 -16.25 -5.36 -8.45
C SER B 150 -17.54 -5.66 -9.18
N GLY B 151 -18.65 -5.73 -8.44
CA GLY B 151 -19.95 -5.86 -9.06
C GLY B 151 -20.38 -4.53 -9.65
N PHE B 152 -19.77 -3.46 -9.13
CA PHE B 152 -20.00 -2.11 -9.64
C PHE B 152 -18.98 -1.77 -10.71
N PRO B 153 -19.35 -0.90 -11.66
CA PRO B 153 -18.40 -0.38 -12.64
C PRO B 153 -17.42 0.60 -11.98
N VAL B 154 -16.17 0.60 -12.42
CA VAL B 154 -15.20 1.56 -11.89
C VAL B 154 -14.63 2.44 -12.99
N SER B 155 -14.23 3.65 -12.60
CA SER B 155 -13.71 4.64 -13.55
C SER B 155 -12.35 4.21 -14.12
N THR B 162 -21.38 2.26 -21.31
CA THR B 162 -20.34 3.09 -20.71
C THR B 162 -20.84 4.48 -20.29
N PRO B 163 -21.64 5.18 -21.13
CA PRO B 163 -22.17 6.45 -20.64
C PRO B 163 -23.00 6.26 -19.36
N GLU B 164 -23.89 5.27 -19.39
CA GLU B 164 -24.63 4.86 -18.20
C GLU B 164 -23.66 4.48 -17.08
N GLU B 165 -22.69 3.63 -17.41
CA GLU B 165 -21.75 3.10 -16.44
C GLU B 165 -20.86 4.17 -15.84
N GLU B 166 -20.55 5.20 -16.61
CA GLU B 166 -19.71 6.29 -16.13
C GLU B 166 -20.37 7.05 -14.98
N GLU B 167 -21.68 7.25 -15.08
CA GLU B 167 -22.44 7.90 -14.00
C GLU B 167 -22.44 7.02 -12.75
N TYR B 168 -22.68 5.74 -12.93
CA TYR B 168 -22.67 4.78 -11.83
C TYR B 168 -21.27 4.57 -11.26
N ALA B 169 -20.25 4.82 -12.09
CA ALA B 169 -18.86 4.64 -11.66
C ALA B 169 -18.43 5.71 -10.66
N THR B 170 -19.10 6.85 -10.68
CA THR B 170 -18.73 7.97 -9.82
C THR B 170 -19.75 8.19 -8.70
N SER B 171 -20.82 7.40 -8.71
CA SER B 171 -21.84 7.48 -7.67
C SER B 171 -21.25 7.23 -6.29
N GLY B 172 -21.69 8.01 -5.31
CA GLY B 172 -21.23 7.82 -3.94
C GLY B 172 -21.69 6.50 -3.33
N TRP B 173 -22.79 5.97 -3.86
CA TRP B 173 -23.33 4.70 -3.37
C TRP B 173 -22.64 3.50 -4.01
N ASN B 174 -21.80 3.77 -5.01
CA ASN B 174 -20.90 2.76 -5.57
C ASN B 174 -19.91 2.39 -4.48
N LEU B 175 -19.84 1.11 -4.14
CA LEU B 175 -19.06 0.70 -2.97
C LEU B 175 -17.55 0.86 -3.15
N ASN B 176 -17.12 1.11 -4.39
CA ASN B 176 -15.72 1.45 -4.65
C ASN B 176 -15.44 2.90 -4.34
N VAL B 177 -16.50 3.72 -4.36
CA VAL B 177 -16.36 5.15 -4.18
C VAL B 177 -16.62 5.60 -2.73
N MET B 178 -17.60 4.99 -2.07
CA MET B 178 -17.98 5.41 -0.72
C MET B 178 -16.82 5.48 0.30
N PRO B 179 -15.90 4.50 0.31
CA PRO B 179 -14.84 4.61 1.33
C PRO B 179 -13.86 5.77 1.09
N VAL B 180 -13.89 6.38 -0.09
CA VAL B 180 -12.97 7.47 -0.38
C VAL B 180 -13.67 8.82 -0.59
N LEU B 181 -14.93 8.93 -0.18
CA LEU B 181 -15.62 10.22 -0.19
C LEU B 181 -14.91 11.12 0.81
N GLU B 182 -14.92 12.43 0.57
CA GLU B 182 -14.26 13.39 1.47
C GLU B 182 -14.54 13.15 2.96
N GLN B 183 -15.82 13.02 3.33
CA GLN B 183 -16.15 12.91 4.74
C GLN B 183 -16.11 11.45 5.21
N SER B 184 -15.63 10.57 4.34
CA SER B 184 -15.32 9.21 4.73
C SER B 184 -13.92 9.22 5.32
N VAL B 185 -13.85 9.04 6.63
CA VAL B 185 -12.64 9.31 7.42
C VAL B 185 -11.40 8.50 6.97
N LEU B 186 -11.63 7.26 6.51
CA LEU B 186 -10.54 6.39 6.11
C LEU B 186 -9.79 6.85 4.85
N CYS B 187 -10.35 7.83 4.13
CA CYS B 187 -9.67 8.37 2.96
C CYS B 187 -8.40 9.14 3.34
N HIS B 188 -8.27 9.47 4.62
CA HIS B 188 -7.12 10.23 5.13
C HIS B 188 -5.90 9.37 5.42
N ILE B 189 -6.09 8.07 5.58
CA ILE B 189 -4.98 7.13 5.68
C ILE B 189 -4.56 6.74 4.26
N ASN B 190 -3.31 6.99 3.90
CA ASN B 190 -2.89 6.70 2.53
C ASN B 190 -2.21 5.34 2.36
N ALA B 191 -1.89 4.70 3.48
CA ALA B 191 -1.46 3.32 3.43
C ALA B 191 -2.57 2.38 3.00
N ASP B 192 -2.18 1.30 2.31
CA ASP B 192 -3.15 0.33 1.84
C ASP B 192 -3.72 -0.43 3.02
N ILE B 193 -4.95 -0.13 3.40
CA ILE B 193 -5.60 -0.87 4.46
C ILE B 193 -6.74 -1.64 3.81
N SER B 194 -6.40 -2.35 2.75
CA SER B 194 -7.37 -3.13 2.00
C SER B 194 -7.97 -4.17 2.92
N GLY B 195 -9.21 -4.54 2.62
CA GLY B 195 -9.98 -5.35 3.53
C GLY B 195 -10.93 -4.40 4.24
N MET B 196 -10.53 -3.13 4.31
CA MET B 196 -11.39 -2.10 4.88
C MET B 196 -11.81 -1.06 3.84
N LYS B 197 -10.96 -0.85 2.83
CA LYS B 197 -11.26 0.17 1.83
C LYS B 197 -11.69 -0.43 0.48
N VAL B 198 -11.47 -1.73 0.32
CA VAL B 198 -11.79 -2.37 -0.95
C VAL B 198 -12.91 -3.40 -0.74
N PRO B 199 -13.94 -3.35 -1.60
CA PRO B 199 -15.15 -4.17 -1.42
C PRO B 199 -14.87 -5.67 -1.46
N TRP B 200 -15.71 -6.44 -0.76
CA TRP B 200 -15.61 -7.89 -0.76
C TRP B 200 -16.86 -8.50 -1.36
N LEU B 201 -16.73 -9.67 -1.95
CA LEU B 201 -17.84 -10.30 -2.65
C LEU B 201 -18.30 -11.56 -1.94
N TYR B 202 -19.60 -11.83 -2.04
CA TYR B 202 -20.21 -12.98 -1.39
C TYR B 202 -21.17 -13.68 -2.36
N VAL B 203 -20.84 -14.91 -2.70
CA VAL B 203 -21.70 -15.70 -3.59
C VAL B 203 -22.39 -16.75 -2.75
N GLY B 204 -23.69 -16.58 -2.57
CA GLY B 204 -24.41 -17.41 -1.61
C GLY B 204 -25.29 -18.48 -2.24
N MET B 205 -25.60 -19.49 -1.45
CA MET B 205 -26.66 -20.45 -1.77
C MET B 205 -27.53 -20.54 -0.52
N VAL B 206 -28.64 -21.27 -0.63
CA VAL B 206 -29.56 -21.39 0.51
C VAL B 206 -28.85 -21.98 1.74
N PHE B 207 -29.13 -21.38 2.90
CA PHE B 207 -28.56 -21.76 4.20
C PHE B 207 -27.11 -21.32 4.41
N SER B 208 -26.42 -20.85 3.36
CA SER B 208 -25.05 -20.36 3.56
C SER B 208 -25.14 -19.16 4.50
N ALA B 209 -24.27 -19.12 5.50
CA ALA B 209 -24.51 -18.25 6.64
C ALA B 209 -23.29 -17.42 7.03
N PHE B 210 -23.53 -16.33 7.75
CA PHE B 210 -22.45 -15.61 8.39
C PHE B 210 -22.76 -15.43 9.88
N CYS B 211 -21.77 -15.77 10.70
CA CYS B 211 -21.93 -15.80 12.15
C CYS B 211 -21.95 -14.40 12.74
N TRP B 212 -22.35 -14.30 14.01
CA TRP B 212 -22.41 -13.04 14.74
C TRP B 212 -21.05 -12.38 14.82
N HIS B 213 -20.98 -11.11 14.42
CA HIS B 213 -19.72 -10.39 14.46
C HIS B 213 -19.95 -8.90 14.36
N ILE B 214 -18.90 -8.14 14.65
CA ILE B 214 -18.85 -6.73 14.33
C ILE B 214 -17.66 -6.51 13.40
N GLU B 215 -17.55 -5.31 12.83
CA GLU B 215 -16.52 -5.02 11.84
C GLU B 215 -15.18 -4.63 12.45
N ASP B 216 -14.12 -4.69 11.63
CA ASP B 216 -12.80 -4.23 12.04
C ASP B 216 -12.86 -2.79 12.54
N HIS B 217 -12.25 -2.56 13.70
CA HIS B 217 -12.24 -1.25 14.34
C HIS B 217 -13.65 -0.70 14.57
N TRP B 218 -14.61 -1.62 14.71
CA TRP B 218 -16.01 -1.29 14.97
C TRP B 218 -16.57 -0.32 13.95
N SER B 219 -16.12 -0.47 12.70
CA SER B 219 -16.54 0.43 11.64
C SER B 219 -17.95 0.10 11.18
N TYR B 220 -18.52 1.02 10.39
CA TYR B 220 -19.70 0.74 9.60
C TYR B 220 -19.40 -0.35 8.56
N SER B 221 -20.43 -0.98 8.04
CA SER B 221 -20.31 -1.67 6.77
C SER B 221 -21.55 -1.34 5.94
N ILE B 222 -21.37 -1.26 4.63
CA ILE B 222 -22.49 -1.11 3.73
C ILE B 222 -22.46 -2.31 2.79
N ASN B 223 -23.65 -2.85 2.55
CA ASN B 223 -23.78 -4.13 1.86
C ASN B 223 -24.83 -4.01 0.78
N TYR B 224 -24.49 -4.46 -0.42
CA TYR B 224 -25.40 -4.36 -1.56
C TYR B 224 -25.61 -5.72 -2.20
N LEU B 225 -26.87 -6.08 -2.41
CA LEU B 225 -27.19 -7.34 -3.08
C LEU B 225 -27.41 -7.06 -4.55
N HIS B 226 -26.47 -7.50 -5.39
CA HIS B 226 -26.52 -7.23 -6.82
C HIS B 226 -27.66 -7.96 -7.50
N TRP B 227 -27.80 -9.26 -7.21
CA TRP B 227 -28.89 -10.05 -7.77
C TRP B 227 -29.08 -11.35 -6.98
N GLY B 228 -30.15 -12.06 -7.31
CA GLY B 228 -30.40 -13.36 -6.71
C GLY B 228 -31.47 -13.31 -5.64
N GLU B 229 -31.58 -14.42 -4.91
CA GLU B 229 -32.57 -14.54 -3.84
C GLU B 229 -32.12 -13.71 -2.62
N PRO B 230 -33.07 -13.37 -1.73
CA PRO B 230 -32.74 -12.45 -0.65
C PRO B 230 -31.66 -12.93 0.31
N LYS B 231 -31.01 -11.98 0.97
CA LYS B 231 -30.12 -12.28 2.07
C LYS B 231 -30.84 -11.90 3.36
N THR B 232 -30.95 -12.85 4.28
CA THR B 232 -31.66 -12.60 5.53
C THR B 232 -30.69 -12.14 6.61
N TRP B 233 -31.04 -11.02 7.26
CA TRP B 233 -30.17 -10.38 8.24
C TRP B 233 -30.74 -10.40 9.65
N TYR B 234 -29.87 -10.46 10.65
CA TYR B 234 -30.25 -10.16 12.03
C TYR B 234 -29.29 -9.12 12.58
N GLY B 235 -29.82 -8.18 13.35
CA GLY B 235 -29.00 -7.09 13.88
C GLY B 235 -29.30 -6.77 15.34
N VAL B 236 -28.25 -6.33 16.03
CA VAL B 236 -28.32 -5.96 17.45
C VAL B 236 -27.75 -4.55 17.62
N PRO B 237 -28.43 -3.68 18.40
CA PRO B 237 -27.89 -2.31 18.55
C PRO B 237 -26.56 -2.32 19.27
N SER B 238 -25.71 -1.34 18.99
CA SER B 238 -24.39 -1.28 19.63
C SER B 238 -24.49 -1.15 21.14
N LEU B 239 -25.56 -0.54 21.62
CA LEU B 239 -25.74 -0.36 23.06
C LEU B 239 -25.83 -1.70 23.78
N ALA B 240 -26.27 -2.73 23.06
CA ALA B 240 -26.44 -4.06 23.64
C ALA B 240 -25.27 -5.00 23.32
N ALA B 241 -24.19 -4.45 22.77
CA ALA B 241 -23.06 -5.26 22.33
C ALA B 241 -22.46 -6.10 23.46
N GLU B 242 -22.24 -5.47 24.61
CA GLU B 242 -21.61 -6.16 25.74
C GLU B 242 -22.55 -7.18 26.37
N HIS B 243 -23.85 -6.88 26.36
CA HIS B 243 -24.84 -7.82 26.86
C HIS B 243 -24.89 -9.08 26.00
N LEU B 244 -24.88 -8.91 24.67
CA LEU B 244 -24.83 -10.02 23.74
C LEU B 244 -23.62 -10.91 23.98
N GLU B 245 -22.46 -10.28 24.19
CA GLU B 245 -21.23 -11.02 24.43
C GLU B 245 -21.32 -11.81 25.74
N GLU B 246 -21.99 -11.26 26.75
CA GLU B 246 -22.11 -11.95 28.02
C GLU B 246 -23.09 -13.12 27.88
N VAL B 247 -24.20 -12.90 27.17
CA VAL B 247 -25.16 -13.97 26.96
C VAL B 247 -24.50 -15.14 26.24
N MET B 248 -23.70 -14.85 25.23
CA MET B 248 -23.02 -15.90 24.47
C MET B 248 -21.99 -16.63 25.31
N LYS B 249 -21.25 -15.88 26.13
CA LYS B 249 -20.25 -16.48 27.01
C LYS B 249 -20.92 -17.37 28.05
N LYS B 250 -22.04 -16.89 28.58
CA LYS B 250 -22.76 -17.58 29.64
C LYS B 250 -23.41 -18.87 29.16
N LEU B 251 -23.85 -18.87 27.91
CA LEU B 251 -24.54 -20.03 27.35
C LEU B 251 -23.64 -20.80 26.40
N THR B 252 -22.38 -20.36 26.32
CA THR B 252 -21.35 -20.95 25.46
C THR B 252 -21.84 -21.15 24.03
N LEU B 269 -25.18 -18.63 14.08
CA LEU B 269 -24.52 -19.09 15.30
C LEU B 269 -25.56 -19.30 16.39
N MET B 270 -25.61 -18.37 17.34
CA MET B 270 -26.61 -18.42 18.39
C MET B 270 -27.95 -17.98 17.84
N ASN B 271 -28.99 -18.72 18.17
CA ASN B 271 -30.33 -18.41 17.74
C ASN B 271 -30.77 -17.05 18.29
N PRO B 272 -31.27 -16.17 17.40
CA PRO B 272 -31.79 -14.85 17.79
C PRO B 272 -32.88 -14.95 18.86
N ASN B 273 -33.64 -16.03 18.87
CA ASN B 273 -34.68 -16.23 19.87
C ASN B 273 -34.08 -16.38 21.26
N THR B 274 -32.90 -16.98 21.32
CA THR B 274 -32.19 -17.14 22.58
C THR B 274 -31.74 -15.78 23.10
N LEU B 275 -31.21 -14.95 22.20
CA LEU B 275 -30.81 -13.59 22.56
C LEU B 275 -32.00 -12.78 23.07
N MET B 276 -33.10 -12.79 22.32
CA MET B 276 -34.26 -11.99 22.70
C MET B 276 -34.88 -12.43 24.01
N SER B 277 -34.83 -13.73 24.30
CA SER B 277 -35.42 -14.25 25.52
C SER B 277 -34.49 -14.04 26.72
N HIS B 278 -33.31 -13.48 26.46
CA HIS B 278 -32.39 -13.14 27.54
C HIS B 278 -32.16 -11.63 27.61
N GLY B 279 -33.08 -10.86 27.04
CA GLY B 279 -33.05 -9.41 27.16
C GLY B 279 -32.18 -8.67 26.16
N VAL B 280 -31.81 -9.33 25.07
CA VAL B 280 -31.02 -8.69 24.01
C VAL B 280 -31.90 -8.38 22.80
N PRO B 281 -32.04 -7.09 22.46
CA PRO B 281 -32.89 -6.67 21.33
C PRO B 281 -32.30 -7.13 19.99
N VAL B 282 -33.16 -7.70 19.14
CA VAL B 282 -32.75 -8.15 17.81
C VAL B 282 -33.76 -7.65 16.77
N VAL B 283 -33.26 -7.24 15.61
CA VAL B 283 -34.13 -6.97 14.46
C VAL B 283 -33.75 -7.90 13.32
N ARG B 284 -34.63 -8.00 12.32
CA ARG B 284 -34.37 -8.82 11.16
C ARG B 284 -34.69 -8.04 9.90
N THR B 285 -34.20 -8.52 8.77
CA THR B 285 -34.68 -8.05 7.47
C THR B 285 -34.33 -9.03 6.36
N ASN B 286 -35.16 -9.07 5.33
CA ASN B 286 -34.82 -9.71 4.08
C ASN B 286 -34.29 -8.67 3.13
N GLN B 287 -33.00 -8.71 2.84
CA GLN B 287 -32.41 -7.81 1.87
C GLN B 287 -32.60 -8.38 0.48
N CYS B 288 -33.38 -7.70 -0.36
CA CYS B 288 -33.64 -8.17 -1.70
C CYS B 288 -32.67 -7.52 -2.68
N ALA B 289 -32.61 -8.06 -3.90
CA ALA B 289 -31.74 -7.55 -4.95
C ALA B 289 -31.97 -6.06 -5.19
N GLY B 290 -30.88 -5.31 -5.24
CA GLY B 290 -30.95 -3.88 -5.49
C GLY B 290 -31.05 -3.06 -4.22
N GLU B 291 -31.00 -3.72 -3.07
CA GLU B 291 -31.13 -3.04 -1.78
C GLU B 291 -29.82 -3.01 -0.99
N PHE B 292 -29.63 -1.94 -0.23
CA PHE B 292 -28.48 -1.79 0.65
C PHE B 292 -28.82 -2.17 2.09
N VAL B 293 -27.85 -2.73 2.79
CA VAL B 293 -27.96 -2.88 4.24
C VAL B 293 -26.77 -2.17 4.88
N ILE B 294 -27.05 -1.33 5.87
CA ILE B 294 -26.01 -0.65 6.64
C ILE B 294 -25.91 -1.27 8.01
N THR B 295 -24.69 -1.62 8.43
CA THR B 295 -24.44 -2.04 9.80
C THR B 295 -23.69 -0.91 10.49
N PHE B 296 -24.16 -0.55 11.68
CA PHE B 296 -23.63 0.60 12.39
C PHE B 296 -22.51 0.19 13.34
N PRO B 297 -21.68 1.16 13.78
CA PRO B 297 -20.52 0.84 14.63
C PRO B 297 -20.86 -0.05 15.82
N ARG B 298 -20.13 -1.15 15.93
CA ARG B 298 -20.30 -2.16 16.99
C ARG B 298 -21.71 -2.77 17.04
N ALA B 299 -22.42 -2.75 15.92
CA ALA B 299 -23.70 -3.45 15.84
C ALA B 299 -23.48 -4.88 15.37
N TYR B 300 -23.66 -5.84 16.27
CA TYR B 300 -23.52 -7.25 15.91
C TYR B 300 -24.53 -7.65 14.86
N HIS B 301 -24.09 -8.43 13.89
CA HIS B 301 -25.01 -8.92 12.89
C HIS B 301 -24.65 -10.32 12.42
N SER B 302 -25.66 -11.01 11.93
CA SER B 302 -25.53 -12.37 11.44
C SER B 302 -26.62 -12.57 10.40
N GLY B 303 -26.58 -13.69 9.71
CA GLY B 303 -27.63 -13.99 8.76
C GLY B 303 -27.31 -15.17 7.87
N PHE B 304 -28.15 -15.37 6.87
CA PHE B 304 -28.00 -16.47 5.93
C PHE B 304 -28.66 -16.08 4.61
N ASN B 305 -28.31 -16.78 3.54
CA ASN B 305 -28.89 -16.49 2.24
C ASN B 305 -30.09 -17.38 1.94
N GLN B 306 -31.09 -16.82 1.29
CA GLN B 306 -32.31 -17.55 0.96
C GLN B 306 -32.11 -18.44 -0.24
N GLY B 307 -31.08 -18.14 -1.02
CA GLY B 307 -30.78 -18.90 -2.22
C GLY B 307 -29.57 -18.34 -2.93
N TYR B 308 -29.41 -18.75 -4.18
CA TYR B 308 -28.31 -18.28 -5.02
C TYR B 308 -28.33 -16.77 -5.20
N ASN B 309 -27.26 -16.11 -4.76
CA ASN B 309 -27.20 -14.66 -4.88
C ASN B 309 -25.77 -14.12 -4.89
N PHE B 310 -25.65 -12.81 -5.11
CA PHE B 310 -24.35 -12.18 -5.25
C PHE B 310 -24.38 -10.83 -4.54
N ALA B 311 -23.52 -10.69 -3.53
CA ALA B 311 -23.49 -9.50 -2.71
C ALA B 311 -22.09 -8.90 -2.65
N GLU B 312 -22.04 -7.61 -2.38
CA GLU B 312 -20.78 -6.87 -2.26
C GLU B 312 -20.85 -6.01 -1.01
N ALA B 313 -19.75 -5.95 -0.26
CA ALA B 313 -19.73 -5.16 0.97
C ALA B 313 -18.40 -4.46 1.19
N VAL B 314 -18.44 -3.31 1.85
CA VAL B 314 -17.23 -2.58 2.17
C VAL B 314 -17.40 -1.83 3.50
N ASN B 315 -16.30 -1.62 4.21
CA ASN B 315 -16.31 -0.82 5.44
C ASN B 315 -16.17 0.67 5.14
N PHE B 316 -16.67 1.49 6.05
CA PHE B 316 -16.38 2.92 6.01
C PHE B 316 -16.46 3.50 7.42
N CYS B 317 -15.88 4.68 7.58
CA CYS B 317 -15.81 5.35 8.87
C CYS B 317 -16.21 6.81 8.72
N THR B 318 -16.92 7.32 9.74
CA THR B 318 -17.43 8.68 9.71
C THR B 318 -17.00 9.45 10.95
N ALA B 319 -17.39 10.72 11.02
CA ALA B 319 -17.10 11.55 12.17
C ALA B 319 -17.71 10.97 13.45
N ASP B 320 -18.94 10.48 13.33
CA ASP B 320 -19.67 9.98 14.50
C ASP B 320 -19.12 8.65 14.99
N TRP B 321 -18.28 8.01 14.16
CA TRP B 321 -17.67 6.74 14.51
C TRP B 321 -16.40 6.90 15.33
N LEU B 322 -15.81 8.08 15.31
CA LEU B 322 -14.51 8.30 15.95
C LEU B 322 -14.42 7.82 17.41
N PRO B 323 -15.45 8.09 18.25
CA PRO B 323 -15.36 7.56 19.61
C PRO B 323 -15.36 6.04 19.68
N ALA B 324 -16.15 5.38 18.83
CA ALA B 324 -16.12 3.92 18.74
C ALA B 324 -14.73 3.42 18.32
N GLY B 325 -14.11 4.14 17.38
CA GLY B 325 -12.76 3.84 16.95
C GLY B 325 -11.76 3.95 18.10
N ARG B 326 -11.89 5.02 18.89
CA ARG B 326 -11.06 5.20 20.07
C ARG B 326 -11.16 4.01 21.00
N GLN B 327 -12.39 3.60 21.30
CA GLN B 327 -12.64 2.51 22.24
C GLN B 327 -12.18 1.16 21.72
N CYS B 328 -12.31 0.94 20.41
CA CYS B 328 -11.93 -0.34 19.84
C CYS B 328 -10.42 -0.60 19.98
N ILE B 329 -9.62 0.46 19.88
CA ILE B 329 -8.17 0.36 20.07
C ILE B 329 -7.87 -0.20 21.46
N GLU B 330 -8.58 0.31 22.45
CA GLU B 330 -8.40 -0.14 23.83
C GLU B 330 -8.87 -1.57 24.00
N HIS B 331 -9.95 -1.93 23.30
CA HIS B 331 -10.45 -3.30 23.30
C HIS B 331 -9.43 -4.25 22.68
N TYR B 332 -8.86 -3.85 21.55
CA TYR B 332 -7.80 -4.62 20.91
C TYR B 332 -6.58 -4.75 21.82
N ARG B 333 -6.21 -3.65 22.45
CA ARG B 333 -5.07 -3.62 23.35
C ARG B 333 -5.23 -4.66 24.45
N ARG B 334 -6.41 -4.67 25.07
CA ARG B 334 -6.73 -5.61 26.13
C ARG B 334 -6.69 -7.06 25.64
N LEU B 335 -7.00 -7.28 24.37
CA LEU B 335 -6.98 -8.63 23.80
C LEU B 335 -5.63 -8.96 23.17
N ARG B 336 -4.72 -7.99 23.17
CA ARG B 336 -3.43 -8.11 22.48
C ARG B 336 -3.63 -8.44 21.00
N ARG B 337 -4.71 -7.93 20.44
CA ARG B 337 -4.97 -8.04 19.00
C ARG B 337 -4.26 -6.93 18.21
N TYR B 338 -3.78 -7.27 17.02
CA TYR B 338 -3.17 -6.29 16.13
C TYR B 338 -4.21 -5.31 15.60
N CYS B 339 -3.78 -4.08 15.34
CA CYS B 339 -4.65 -3.07 14.74
C CYS B 339 -4.47 -3.02 13.23
N VAL B 340 -5.54 -2.71 12.51
CA VAL B 340 -5.45 -2.50 11.06
C VAL B 340 -4.77 -1.16 10.79
N PHE B 341 -5.05 -0.19 11.65
CA PHE B 341 -4.42 1.12 11.54
C PHE B 341 -4.37 1.76 12.91
N SER B 342 -3.63 2.85 13.01
CA SER B 342 -3.50 3.58 14.26
C SER B 342 -4.52 4.69 14.35
N HIS B 343 -5.27 4.70 15.43
CA HIS B 343 -6.25 5.74 15.69
C HIS B 343 -5.55 7.09 15.90
N GLU B 344 -4.46 7.08 16.65
CA GLU B 344 -3.60 8.27 16.82
C GLU B 344 -3.23 8.89 15.48
N GLU B 345 -2.72 8.05 14.58
CA GLU B 345 -2.23 8.51 13.29
C GLU B 345 -3.36 9.12 12.47
N LEU B 346 -4.53 8.48 12.52
CA LEU B 346 -5.70 8.95 11.81
C LEU B 346 -6.13 10.34 12.28
N ILE B 347 -6.21 10.49 13.60
CA ILE B 347 -6.57 11.77 14.20
C ILE B 347 -5.58 12.87 13.84
N CYS B 348 -4.29 12.56 13.96
CA CYS B 348 -3.26 13.55 13.69
C CYS B 348 -3.18 13.92 12.22
N LYS B 349 -3.47 12.97 11.32
CA LYS B 349 -3.48 13.28 9.90
C LYS B 349 -4.62 14.24 9.56
N MET B 350 -5.78 14.01 10.18
CA MET B 350 -6.91 14.90 9.97
C MET B 350 -6.65 16.27 10.59
N ALA B 351 -5.98 16.27 11.73
CA ALA B 351 -5.68 17.51 12.44
C ALA B 351 -4.73 18.41 11.66
N ALA B 352 -3.87 17.81 10.83
CA ALA B 352 -2.89 18.56 10.07
C ALA B 352 -3.49 19.29 8.87
N CYS B 353 -4.74 18.94 8.52
CA CYS B 353 -5.43 19.59 7.41
C CYS B 353 -6.89 19.92 7.74
N PRO B 354 -7.10 20.83 8.71
CA PRO B 354 -8.44 21.11 9.25
C PRO B 354 -9.44 21.62 8.21
N GLU B 355 -8.97 22.22 7.13
CA GLU B 355 -9.88 22.82 6.15
C GLU B 355 -10.48 21.76 5.22
N LYS B 356 -9.99 20.53 5.32
CA LYS B 356 -10.60 19.41 4.61
C LYS B 356 -11.71 18.77 5.44
N LEU B 357 -11.92 19.29 6.65
CA LEU B 357 -12.89 18.71 7.57
C LEU B 357 -14.15 19.57 7.62
N ASP B 358 -15.31 18.95 7.43
CA ASP B 358 -16.54 19.70 7.68
C ASP B 358 -16.61 19.99 9.17
N LEU B 359 -17.45 20.93 9.56
CA LEU B 359 -17.46 21.43 10.92
C LEU B 359 -17.77 20.33 11.94
N ASN B 360 -18.63 19.39 11.56
CA ASN B 360 -18.98 18.27 12.45
C ASN B 360 -17.77 17.34 12.68
N LEU B 361 -16.98 17.12 11.64
CA LEU B 361 -15.79 16.29 11.74
C LEU B 361 -14.67 16.99 12.51
N ALA B 362 -14.51 18.30 12.27
CA ALA B 362 -13.50 19.09 12.97
C ALA B 362 -13.71 19.05 14.48
N ALA B 363 -14.97 19.16 14.90
CA ALA B 363 -15.33 19.07 16.31
C ALA B 363 -14.98 17.69 16.88
N ALA B 364 -15.32 16.64 16.13
CA ALA B 364 -15.05 15.28 16.56
C ALA B 364 -13.55 15.01 16.66
N VAL B 365 -12.80 15.52 15.69
CA VAL B 365 -11.35 15.32 15.68
C VAL B 365 -10.70 16.09 16.83
N HIS B 366 -11.16 17.31 17.09
CA HIS B 366 -10.64 18.09 18.21
C HIS B 366 -10.87 17.38 19.53
N LYS B 367 -12.06 16.80 19.69
CA LYS B 367 -12.40 16.05 20.90
C LYS B 367 -11.39 14.91 21.14
N GLU B 368 -11.14 14.14 20.09
CA GLU B 368 -10.20 13.03 20.18
C GLU B 368 -8.77 13.52 20.41
N MET B 369 -8.40 14.55 19.66
CA MET B 369 -7.06 15.13 19.74
C MET B 369 -6.77 15.67 21.13
N PHE B 370 -7.77 16.29 21.76
CA PHE B 370 -7.55 16.96 23.03
C PHE B 370 -7.11 15.99 24.11
N ILE B 371 -7.78 14.84 24.23
CA ILE B 371 -7.38 13.87 25.25
C ILE B 371 -6.12 13.12 24.84
N MET B 372 -5.93 12.94 23.54
CA MET B 372 -4.70 12.35 23.02
C MET B 372 -3.48 13.15 23.47
N VAL B 373 -3.58 14.47 23.39
CA VAL B 373 -2.49 15.35 23.82
C VAL B 373 -2.28 15.26 25.33
N GLN B 374 -3.37 15.21 26.10
CA GLN B 374 -3.25 15.18 27.55
C GLN B 374 -2.64 13.87 28.03
N GLU B 375 -3.05 12.76 27.40
CA GLU B 375 -2.48 11.47 27.75
C GLU B 375 -0.98 11.46 27.42
N GLU B 376 -0.62 12.02 26.28
CA GLU B 376 0.76 12.06 25.85
C GLU B 376 1.63 12.89 26.79
N ARG B 377 1.08 14.00 27.28
CA ARG B 377 1.82 14.81 28.24
C ARG B 377 2.09 14.00 29.51
N ARG B 378 1.11 13.20 29.94
CA ARG B 378 1.27 12.39 31.14
C ARG B 378 2.31 11.30 30.93
N LEU B 379 2.20 10.60 29.80
CA LEU B 379 3.07 9.47 29.51
C LEU B 379 4.54 9.91 29.36
N ARG B 380 4.77 11.04 28.70
CA ARG B 380 6.13 11.55 28.51
C ARG B 380 6.73 12.06 29.82
N LYS B 381 5.91 12.66 30.67
CA LYS B 381 6.37 13.07 31.99
C LYS B 381 6.78 11.86 32.83
N ALA B 382 5.97 10.81 32.77
CA ALA B 382 6.28 9.57 33.49
C ALA B 382 7.58 8.96 32.98
N LEU B 383 7.84 9.12 31.70
CA LEU B 383 9.06 8.60 31.09
C LEU B 383 10.28 9.33 31.64
N LEU B 384 10.14 10.64 31.84
CA LEU B 384 11.21 11.46 32.39
C LEU B 384 11.53 11.14 33.85
N GLU B 385 10.50 10.92 34.66
CA GLU B 385 10.72 10.60 36.07
C GLU B 385 11.35 9.21 36.23
N LYS B 386 11.12 8.35 35.24
CA LYS B 386 11.73 7.02 35.22
C LYS B 386 13.24 7.13 34.98
N GLY B 387 13.66 8.24 34.38
CA GLY B 387 15.07 8.48 34.15
C GLY B 387 15.49 8.51 32.69
N ILE B 388 14.56 8.18 31.80
CA ILE B 388 14.86 8.23 30.36
C ILE B 388 14.98 9.69 29.95
N THR B 389 16.11 10.05 29.34
CA THR B 389 16.35 11.44 28.95
C THR B 389 16.62 11.60 27.46
N GLU B 390 17.13 10.55 26.84
CA GLU B 390 17.46 10.59 25.41
C GLU B 390 16.19 10.46 24.56
N ALA B 391 16.18 11.15 23.42
CA ALA B 391 15.00 11.16 22.55
C ALA B 391 15.41 11.37 21.10
N GLU B 392 14.71 10.68 20.20
CA GLU B 392 14.94 10.82 18.77
C GLU B 392 13.62 10.97 18.04
N ARG B 393 13.56 11.88 17.07
CA ARG B 393 12.34 12.04 16.27
C ARG B 393 12.19 10.86 15.32
N GLU B 394 10.96 10.36 15.20
CA GLU B 394 10.69 9.26 14.28
C GLU B 394 9.39 9.48 13.53
N ALA B 395 9.44 9.31 12.21
CA ALA B 395 8.24 9.41 11.38
C ALA B 395 7.59 8.03 11.28
N PHE B 396 6.88 7.66 12.34
CA PHE B 396 6.31 6.32 12.46
C PHE B 396 5.41 5.92 11.29
N GLU B 397 4.71 6.86 10.69
CA GLU B 397 3.76 6.53 9.63
C GLU B 397 4.45 5.97 8.39
N LEU B 398 5.77 6.12 8.33
CA LEU B 398 6.54 5.63 7.18
C LEU B 398 7.17 4.25 7.43
N LEU B 399 6.97 3.71 8.62
CA LEU B 399 7.50 2.39 8.96
C LEU B 399 6.45 1.32 8.71
N PRO B 400 6.90 0.08 8.40
CA PRO B 400 5.97 -1.05 8.30
C PRO B 400 5.33 -1.34 9.65
N ASP B 401 4.14 -1.95 9.65
CA ASP B 401 3.43 -2.22 10.89
C ASP B 401 4.24 -3.03 11.90
N ASP B 402 4.99 -4.01 11.43
CA ASP B 402 5.73 -4.89 12.32
C ASP B 402 6.93 -4.20 12.97
N GLU B 403 7.23 -2.99 12.50
CA GLU B 403 8.28 -2.19 13.13
C GLU B 403 7.67 -1.09 14.01
N ARG B 404 6.37 -1.18 14.25
CA ARG B 404 5.66 -0.18 15.04
C ARG B 404 4.87 -0.75 16.21
N GLN B 405 4.88 -2.07 16.36
CA GLN B 405 3.99 -2.70 17.33
C GLN B 405 4.62 -2.76 18.71
N CYS B 406 3.83 -2.40 19.72
CA CYS B 406 4.25 -2.58 21.09
C CYS B 406 4.38 -4.08 21.36
N ILE B 407 5.54 -4.52 21.84
CA ILE B 407 5.75 -5.94 22.06
C ILE B 407 4.88 -6.46 23.19
N LYS B 408 4.38 -5.54 24.02
CA LYS B 408 3.53 -5.92 25.14
C LYS B 408 2.04 -6.02 24.75
N CYS B 409 1.48 -4.95 24.19
CA CYS B 409 0.04 -4.92 23.93
C CYS B 409 -0.31 -5.00 22.46
N LYS B 410 0.71 -5.09 21.61
CA LYS B 410 0.57 -5.30 20.17
C LYS B 410 -0.08 -4.13 19.43
N THR B 411 -0.28 -3.01 20.12
CA THR B 411 -0.87 -1.83 19.49
C THR B 411 0.12 -1.21 18.51
N THR B 412 -0.40 -0.48 17.54
CA THR B 412 0.44 0.22 16.57
C THR B 412 0.81 1.60 17.10
N CYS B 413 2.11 1.85 17.25
CA CYS B 413 2.59 3.13 17.77
C CYS B 413 2.59 4.22 16.72
N PHE B 414 2.38 5.46 17.15
CA PHE B 414 2.46 6.59 16.24
C PHE B 414 3.05 7.83 16.91
N LEU B 415 2.42 8.28 17.99
CA LEU B 415 2.89 9.50 18.66
C LEU B 415 4.24 9.31 19.31
N SER B 416 4.47 8.13 19.87
CA SER B 416 5.70 7.85 20.60
C SER B 416 5.86 6.37 20.91
N ALA B 417 7.09 6.02 21.29
CA ALA B 417 7.42 4.67 21.69
C ALA B 417 8.73 4.68 22.47
N LEU B 418 8.94 3.67 23.30
CA LEU B 418 10.20 3.53 24.01
C LEU B 418 11.04 2.45 23.34
N ALA B 419 12.30 2.76 23.07
CA ALA B 419 13.22 1.80 22.48
C ALA B 419 14.48 1.68 23.34
N CYS B 420 15.37 0.76 22.97
CA CYS B 420 16.60 0.57 23.73
C CYS B 420 17.80 0.51 22.80
N TYR B 421 18.87 1.18 23.19
CA TYR B 421 20.09 1.23 22.38
C TYR B 421 20.74 -0.14 22.30
N ASP B 422 20.54 -0.96 23.32
CA ASP B 422 21.21 -2.25 23.41
C ASP B 422 20.31 -3.40 22.94
N CYS B 423 19.02 -3.14 22.83
CA CYS B 423 18.05 -4.13 22.33
C CYS B 423 17.30 -3.57 21.13
N PRO B 424 17.93 -3.58 19.95
CA PRO B 424 17.43 -2.90 18.74
C PRO B 424 16.07 -3.39 18.23
N ASP B 425 15.71 -4.63 18.54
CA ASP B 425 14.46 -5.21 18.06
C ASP B 425 13.23 -4.80 18.89
N GLY B 426 13.47 -4.34 20.11
CA GLY B 426 12.38 -4.06 21.03
C GLY B 426 11.68 -2.74 20.82
N LEU B 427 10.37 -2.72 21.09
CA LEU B 427 9.60 -1.48 21.04
C LEU B 427 8.34 -1.60 21.88
N VAL B 428 8.09 -0.60 22.72
CA VAL B 428 6.83 -0.54 23.47
C VAL B 428 6.18 0.83 23.33
N CYS B 429 4.85 0.87 23.43
CA CYS B 429 4.15 2.15 23.54
C CYS B 429 4.42 2.72 24.91
N LEU B 430 4.14 4.01 25.11
CA LEU B 430 4.51 4.66 26.35
C LEU B 430 3.64 4.26 27.53
N SER B 431 2.61 3.46 27.28
CA SER B 431 1.82 2.90 28.36
C SER B 431 2.47 1.66 28.97
N HIS B 432 3.51 1.16 28.30
CA HIS B 432 4.17 -0.08 28.75
C HIS B 432 5.69 0.04 28.83
N ILE B 433 6.16 1.15 29.38
CA ILE B 433 7.59 1.43 29.42
C ILE B 433 8.37 0.47 30.32
N ASN B 434 7.66 -0.27 31.16
CA ASN B 434 8.30 -1.24 32.03
C ASN B 434 8.38 -2.65 31.44
N ASP B 435 7.89 -2.79 30.21
CA ASP B 435 7.81 -4.11 29.58
C ASP B 435 8.68 -4.22 28.34
N LEU B 436 9.67 -3.34 28.21
CA LEU B 436 10.53 -3.36 27.03
C LEU B 436 11.69 -4.33 27.19
N CYS B 437 12.49 -4.15 28.23
CA CYS B 437 13.67 -4.97 28.48
C CYS B 437 14.21 -4.75 29.90
N LYS B 438 15.31 -5.41 30.23
CA LYS B 438 15.84 -5.36 31.60
C LYS B 438 16.92 -4.28 31.75
N CYS B 439 17.27 -3.63 30.65
CA CYS B 439 18.32 -2.62 30.67
C CYS B 439 17.94 -1.42 31.54
N SER B 440 18.95 -0.69 31.99
CA SER B 440 18.72 0.49 32.82
C SER B 440 18.16 1.65 31.99
N SER B 441 17.48 2.57 32.66
CA SER B 441 16.84 3.72 32.00
C SER B 441 17.80 4.53 31.14
N SER B 442 19.07 4.55 31.53
CA SER B 442 20.09 5.31 30.80
C SER B 442 20.35 4.73 29.41
N ARG B 443 19.94 3.49 29.19
CA ARG B 443 20.17 2.82 27.91
C ARG B 443 18.92 2.82 27.03
N GLN B 444 17.82 3.31 27.58
CA GLN B 444 16.57 3.40 26.84
C GLN B 444 16.34 4.81 26.32
N TYR B 445 15.58 4.95 25.24
CA TYR B 445 15.35 6.27 24.66
C TYR B 445 13.97 6.42 24.03
N LEU B 446 13.50 7.66 24.01
CA LEU B 446 12.20 7.99 23.44
C LEU B 446 12.25 8.18 21.93
N ARG B 447 11.35 7.52 21.23
CA ARG B 447 11.14 7.80 19.82
C ARG B 447 9.81 8.52 19.69
N TYR B 448 9.83 9.74 19.19
CA TYR B 448 8.63 10.59 19.20
C TYR B 448 8.31 11.11 17.81
N ARG B 449 7.02 11.28 17.54
CA ARG B 449 6.57 11.81 16.25
C ARG B 449 6.55 13.33 16.30
N TYR B 450 6.05 13.86 17.40
CA TYR B 450 6.00 15.30 17.62
C TYR B 450 6.54 15.65 18.99
N THR B 451 7.13 16.83 19.10
CA THR B 451 7.49 17.36 20.41
C THR B 451 6.21 17.81 21.10
N LEU B 452 6.27 17.94 22.43
CA LEU B 452 5.14 18.42 23.19
C LEU B 452 4.74 19.82 22.75
N ASP B 453 5.72 20.64 22.40
CA ASP B 453 5.55 21.95 21.75
C ASP B 453 4.55 21.96 20.60
N GLU B 454 4.76 21.02 19.69
CA GLU B 454 4.06 20.97 18.40
C GLU B 454 2.58 20.66 18.54
N LEU B 455 2.21 20.05 19.66
CA LEU B 455 0.84 19.55 19.83
C LEU B 455 -0.21 20.64 20.13
N PRO B 456 0.10 21.63 21.00
CA PRO B 456 -0.87 22.71 21.19
C PRO B 456 -1.21 23.46 19.91
N ALA B 457 -0.22 23.65 19.04
CA ALA B 457 -0.43 24.35 17.78
C ALA B 457 -1.42 23.59 16.91
N MET B 458 -1.30 22.26 16.91
CA MET B 458 -2.22 21.41 16.16
C MET B 458 -3.64 21.52 16.71
N LEU B 459 -3.76 21.42 18.03
CA LEU B 459 -5.07 21.57 18.70
C LEU B 459 -5.74 22.90 18.38
N HIS B 460 -4.97 23.98 18.41
CA HIS B 460 -5.51 25.31 18.22
C HIS B 460 -6.09 25.50 16.83
N LYS B 461 -5.40 24.98 15.82
CA LYS B 461 -5.86 25.06 14.43
C LYS B 461 -7.17 24.31 14.24
N LEU B 462 -7.29 23.14 14.86
CA LEU B 462 -8.55 22.39 14.85
C LEU B 462 -9.67 23.18 15.50
N LYS B 463 -9.37 23.80 16.64
CA LYS B 463 -10.36 24.54 17.39
C LYS B 463 -10.86 25.74 16.60
N VAL B 464 -9.95 26.45 15.94
CA VAL B 464 -10.30 27.58 15.09
C VAL B 464 -11.23 27.12 13.97
N ARG B 465 -10.88 26.00 13.35
CA ARG B 465 -11.69 25.43 12.28
C ARG B 465 -13.08 25.06 12.78
N ALA B 466 -13.13 24.36 13.92
CA ALA B 466 -14.38 23.91 14.49
C ALA B 466 -15.24 25.09 14.94
N GLU B 467 -14.59 26.24 15.12
CA GLU B 467 -15.29 27.46 15.51
C GLU B 467 -15.70 28.23 14.27
N SER B 468 -15.89 27.50 13.17
CA SER B 468 -16.22 28.04 11.87
C SER B 468 -15.11 28.94 11.34
#